data_5EQE
#
_entry.id   5EQE
#
_cell.length_a   55.671
_cell.length_b   120.878
_cell.length_c   131.208
_cell.angle_alpha   90.000
_cell.angle_beta   90.000
_cell.angle_gamma   90.000
#
_symmetry.space_group_name_H-M   'P 21 21 21'
#
loop_
_entity.id
_entity.type
_entity.pdbx_description
1 polymer 'Choline kinase alpha'
2 non-polymer [4-[(4-methyl-1,4-diazepan-1-yl)methyl]phenyl]methanamine
3 water water
#
_entity_poly.entity_id   1
_entity_poly.type   'polypeptide(L)'
_entity_poly.pdbx_seq_one_letter_code
;GSSHHHHHHSSGLVPRGSPQPPADEQPEPRTRRRAYLWCKEFLPGAWRGLREDEFHISVIRGGLSNMLFQCSLPDTTATL
GDEPRKVLLRLYGAILQMRSCNKEGSEQAQKENEFQGAEAMVLESVMFAILAERSLGPKLYGIFPQGRLEQFIPSRRLDT
EELSLPDISAEIAEKMATFHGMKMPFNKEPKWLFGTMEKYLKEVLRIKFTEESRIKKLHKLLSYNLPLELENLRSLLEST
PSPVVFCHNDCQEGNILLLEGRENSEKQKLMLIDFEYSSYNYRGFDIGNHFCEWMYDYSYEKYPFFRANIRKYPTKKQQL
HFISSYLPAFQNDFENLSTEEKSIIKEEMLLEVNRFALASHFLWGLWSIVQAKISSIEFGYMDYAQARFDAYFHQKRKLG
V
;
_entity_poly.pdbx_strand_id   A,B
#
# COMPACT_ATOMS: atom_id res chain seq x y z
N ASP A 24 -25.75 15.60 3.38
CA ASP A 24 -27.19 15.25 3.54
C ASP A 24 -27.70 14.48 2.32
N GLU A 25 -28.08 13.23 2.54
CA GLU A 25 -28.49 12.30 1.48
C GLU A 25 -28.01 12.58 0.06
N GLN A 26 -28.58 13.60 -0.61
CA GLN A 26 -28.08 14.03 -1.92
C GLN A 26 -26.65 14.54 -1.85
N PRO A 27 -25.72 13.88 -2.55
CA PRO A 27 -24.39 14.50 -2.71
C PRO A 27 -24.54 15.79 -3.50
N GLU A 28 -23.46 16.53 -3.67
CA GLU A 28 -23.52 17.72 -4.50
C GLU A 28 -23.26 17.38 -5.95
N PRO A 29 -23.56 18.30 -6.87
CA PRO A 29 -23.40 17.97 -8.30
C PRO A 29 -21.97 17.61 -8.66
N ARG A 30 -21.02 18.36 -8.12
CA ARG A 30 -19.60 18.19 -8.41
C ARG A 30 -19.15 16.78 -8.04
N THR A 31 -19.05 16.55 -6.74
CA THR A 31 -18.84 15.21 -6.24
C THR A 31 -20.07 14.40 -6.65
N ARG A 32 -19.90 13.14 -7.00
CA ARG A 32 -20.96 12.28 -7.56
C ARG A 32 -20.85 12.27 -9.07
N ARG A 33 -20.57 13.40 -9.66
CA ARG A 33 -20.10 13.41 -11.04
C ARG A 33 -18.68 12.85 -11.06
N ARG A 34 -17.88 13.28 -10.09
CA ARG A 34 -16.54 12.73 -9.90
C ARG A 34 -16.62 11.33 -9.27
N ALA A 35 -17.57 11.13 -8.35
CA ALA A 35 -17.79 9.80 -7.76
C ALA A 35 -18.14 8.77 -8.85
N TYR A 36 -19.10 9.14 -9.70
CA TYR A 36 -19.47 8.31 -10.84
C TYR A 36 -18.25 7.95 -11.70
N LEU A 37 -17.41 8.93 -11.99
CA LEU A 37 -16.20 8.66 -12.77
C LEU A 37 -15.25 7.67 -12.08
N TRP A 38 -15.03 7.85 -10.78
CA TRP A 38 -14.10 6.98 -10.07
C TRP A 38 -14.64 5.57 -10.02
N CYS A 39 -15.93 5.44 -9.76
CA CYS A 39 -16.53 4.11 -9.66
C CYS A 39 -16.49 3.42 -11.01
N LYS A 40 -16.82 4.16 -12.06
CA LYS A 40 -16.93 3.60 -13.40
C LYS A 40 -15.57 3.10 -13.92
N GLU A 41 -14.50 3.81 -13.55
CA GLU A 41 -13.16 3.51 -14.03
C GLU A 41 -12.32 2.60 -13.13
N PHE A 42 -12.59 2.61 -11.82
CA PHE A 42 -11.86 1.78 -10.87
C PHE A 42 -12.53 0.43 -10.60
N LEU A 43 -13.85 0.37 -10.64
CA LEU A 43 -14.58 -0.88 -10.37
C LEU A 43 -14.80 -1.73 -11.61
N PRO A 44 -14.72 -3.06 -11.45
CA PRO A 44 -14.94 -4.00 -12.56
C PRO A 44 -16.41 -4.31 -12.82
N GLY A 45 -16.66 -5.00 -13.93
CA GLY A 45 -17.97 -5.58 -14.16
C GLY A 45 -18.99 -4.57 -14.64
N ALA A 46 -20.20 -4.64 -14.12
CA ALA A 46 -21.28 -3.78 -14.58
C ALA A 46 -20.93 -2.29 -14.40
N TRP A 47 -20.09 -1.99 -13.41
CA TRP A 47 -19.64 -0.62 -13.18
C TRP A 47 -19.04 0.07 -14.40
N ARG A 48 -18.32 -0.66 -15.26
CA ARG A 48 -17.52 0.02 -16.27
C ARG A 48 -18.32 0.52 -17.47
N GLY A 49 -19.58 0.13 -17.55
CA GLY A 49 -20.46 0.62 -18.60
C GLY A 49 -21.73 1.27 -18.09
N LEU A 50 -21.69 1.73 -16.84
CA LEU A 50 -22.82 2.43 -16.23
C LEU A 50 -22.89 3.86 -16.77
N ARG A 51 -24.10 4.38 -16.97
CA ARG A 51 -24.23 5.78 -17.34
C ARG A 51 -24.30 6.62 -16.07
N GLU A 52 -24.07 7.92 -16.19
CA GLU A 52 -24.30 8.82 -15.08
C GLU A 52 -25.74 8.71 -14.58
N ASP A 53 -26.69 8.62 -15.50
CA ASP A 53 -28.07 8.74 -15.08
C ASP A 53 -28.48 7.59 -14.17
N GLU A 54 -27.78 6.46 -14.27
CA GLU A 54 -28.14 5.30 -13.46
C GLU A 54 -27.21 5.06 -12.27
N PHE A 55 -26.41 6.05 -11.92
CA PHE A 55 -25.50 5.97 -10.78
C PHE A 55 -26.21 6.43 -9.50
N HIS A 56 -26.09 5.62 -8.45
CA HIS A 56 -26.65 5.94 -7.13
C HIS A 56 -25.59 6.29 -6.09
N ILE A 57 -25.73 7.44 -5.45
CA ILE A 57 -24.83 7.83 -4.37
C ILE A 57 -25.60 8.52 -3.22
N SER A 58 -25.24 8.17 -2.00
CA SER A 58 -25.84 8.73 -0.79
C SER A 58 -24.76 9.08 0.22
N VAL A 59 -24.91 10.24 0.85
CA VAL A 59 -24.03 10.62 1.95
C VAL A 59 -24.12 9.63 3.11
N ILE A 60 -23.00 9.40 3.75
CA ILE A 60 -22.97 8.70 5.03
C ILE A 60 -22.37 9.58 6.11
N ARG A 61 -21.44 10.46 5.72
CA ARG A 61 -20.94 11.48 6.63
C ARG A 61 -20.55 12.73 5.85
N GLY A 62 -21.10 13.87 6.28
CA GLY A 62 -20.72 15.14 5.70
C GLY A 62 -19.40 15.65 6.28
N GLY A 63 -19.31 16.95 6.53
CA GLY A 63 -18.10 17.52 7.09
C GLY A 63 -17.18 18.06 6.03
N LEU A 64 -15.94 18.37 6.41
CA LEU A 64 -14.97 18.93 5.48
C LEU A 64 -13.77 18.00 5.27
N SER A 65 -13.65 16.99 6.13
CA SER A 65 -12.45 16.16 6.14
C SER A 65 -12.63 14.79 5.51
N ASN A 66 -13.34 13.89 6.18
CA ASN A 66 -13.54 12.56 5.61
C ASN A 66 -14.98 12.28 5.26
N MET A 67 -15.43 12.88 4.17
CA MET A 67 -16.79 12.65 3.71
C MET A 67 -16.91 11.18 3.34
N LEU A 68 -18.06 10.61 3.67
CA LEU A 68 -18.32 9.21 3.40
C LEU A 68 -19.56 9.12 2.52
N PHE A 69 -19.46 8.37 1.44
CA PHE A 69 -20.62 8.13 0.59
C PHE A 69 -20.81 6.65 0.37
N GLN A 70 -22.06 6.27 0.14
CA GLN A 70 -22.39 4.94 -0.34
C GLN A 70 -22.68 5.07 -1.85
N CYS A 71 -22.09 4.19 -2.64
CA CYS A 71 -22.26 4.18 -4.10
C CYS A 71 -22.76 2.80 -4.48
N SER A 72 -23.69 2.72 -5.43
CA SER A 72 -24.25 1.43 -5.80
C SER A 72 -24.75 1.32 -7.23
N LEU A 73 -24.83 0.08 -7.71
CA LEU A 73 -25.48 -0.24 -8.95
C LEU A 73 -27.00 -0.04 -8.81
N PRO A 74 -27.70 0.22 -9.92
CA PRO A 74 -29.16 0.08 -9.89
C PRO A 74 -29.49 -1.35 -9.48
N ASP A 75 -30.64 -1.56 -8.87
CA ASP A 75 -31.03 -2.90 -8.42
C ASP A 75 -31.48 -3.75 -9.60
N THR A 76 -31.92 -3.09 -10.66
CA THR A 76 -32.28 -3.77 -11.90
C THR A 76 -31.06 -4.22 -12.70
N THR A 77 -29.89 -3.71 -12.34
CA THR A 77 -28.66 -4.03 -13.07
C THR A 77 -28.01 -5.27 -12.47
N ALA A 78 -27.52 -6.15 -13.33
CA ALA A 78 -26.93 -7.40 -12.88
C ALA A 78 -25.40 -7.33 -12.86
N THR A 79 -24.79 -7.81 -11.77
CA THR A 79 -23.35 -7.91 -11.75
C THR A 79 -22.96 -8.90 -12.82
N LEU A 80 -21.75 -8.75 -13.35
CA LEU A 80 -21.25 -9.65 -14.37
C LEU A 80 -20.36 -10.71 -13.71
N GLY A 81 -19.65 -10.31 -12.66
CA GLY A 81 -18.74 -11.22 -11.97
C GLY A 81 -18.57 -10.94 -10.48
N ASP A 82 -17.33 -10.70 -10.08
CA ASP A 82 -16.99 -10.43 -8.68
C ASP A 82 -17.60 -9.16 -8.13
N GLU A 83 -17.73 -8.15 -8.99
CA GLU A 83 -17.81 -6.77 -8.54
C GLU A 83 -18.85 -6.59 -7.45
N PRO A 84 -18.58 -5.68 -6.51
CA PRO A 84 -19.53 -5.34 -5.45
C PRO A 84 -20.71 -4.57 -6.02
N ARG A 85 -21.88 -4.75 -5.44
CA ARG A 85 -23.08 -4.02 -5.81
C ARG A 85 -23.06 -2.62 -5.19
N LYS A 86 -22.32 -2.50 -4.09
CA LYS A 86 -22.24 -1.24 -3.37
C LYS A 86 -20.82 -1.08 -2.83
N VAL A 87 -20.34 0.16 -2.81
CA VAL A 87 -19.03 0.45 -2.22
C VAL A 87 -19.08 1.73 -1.40
N LEU A 88 -18.05 1.95 -0.60
CA LEU A 88 -17.94 3.17 0.18
C LEU A 88 -16.87 4.08 -0.42
N LEU A 89 -17.28 5.31 -0.73
CA LEU A 89 -16.39 6.35 -1.23
C LEU A 89 -15.91 7.17 -0.04
N ARG A 90 -14.61 7.42 0.01
CA ARG A 90 -14.03 8.19 1.10
C ARG A 90 -13.22 9.36 0.54
N LEU A 91 -13.69 10.59 0.74
CA LEU A 91 -12.92 11.74 0.32
C LEU A 91 -12.10 12.32 1.45
N TYR A 92 -10.80 12.51 1.20
CA TYR A 92 -9.87 12.99 2.19
C TYR A 92 -10.13 14.44 2.59
N GLY A 93 -10.80 15.19 1.72
CA GLY A 93 -11.09 16.58 2.01
C GLY A 93 -9.85 17.34 2.44
N ALA A 94 -10.01 18.21 3.44
CA ALA A 94 -8.94 19.10 3.87
C ALA A 94 -7.90 18.38 4.75
N ILE A 95 -6.78 17.99 4.16
CA ILE A 95 -5.63 17.54 4.94
C ILE A 95 -4.39 18.34 4.59
N MET A 121 0.91 10.24 3.83
CA MET A 121 -0.31 9.66 3.27
C MET A 121 -0.04 8.31 2.60
N VAL A 122 1.23 7.97 2.41
CA VAL A 122 1.60 6.69 1.83
C VAL A 122 1.54 5.56 2.85
N LEU A 123 1.91 5.87 4.10
CA LEU A 123 1.89 4.87 5.15
C LEU A 123 0.47 4.40 5.43
N GLU A 124 -0.49 5.33 5.38
CA GLU A 124 -1.86 4.99 5.68
C GLU A 124 -2.44 4.16 4.53
N SER A 125 -2.08 4.54 3.31
CA SER A 125 -2.53 3.81 2.12
C SER A 125 -1.97 2.40 2.10
N VAL A 126 -0.67 2.26 2.36
CA VAL A 126 -0.03 0.94 2.39
C VAL A 126 -0.64 0.06 3.47
N MET A 127 -0.84 0.65 4.64
CA MET A 127 -1.42 -0.06 5.76
C MET A 127 -2.82 -0.56 5.42
N PHE A 128 -3.65 0.33 4.88
CA PHE A 128 -4.99 -0.06 4.47
C PHE A 128 -4.99 -1.19 3.43
N ALA A 129 -4.08 -1.12 2.46
CA ALA A 129 -3.97 -2.17 1.45
C ALA A 129 -3.53 -3.51 2.06
N ILE A 130 -2.53 -3.48 2.92
CA ILE A 130 -2.08 -4.71 3.57
C ILE A 130 -3.17 -5.39 4.40
N LEU A 131 -3.89 -4.62 5.21
CA LEU A 131 -4.93 -5.20 6.05
C LEU A 131 -6.04 -5.80 5.21
N ALA A 132 -6.38 -5.13 4.12
CA ALA A 132 -7.35 -5.68 3.16
C ALA A 132 -6.86 -7.03 2.60
N GLU A 133 -5.60 -7.08 2.15
CA GLU A 133 -5.00 -8.32 1.68
C GLU A 133 -5.07 -9.43 2.72
N ARG A 134 -4.97 -9.07 4.00
CA ARG A 134 -4.99 -10.09 5.06
C ARG A 134 -6.39 -10.34 5.61
N SER A 135 -7.38 -9.60 5.11
CA SER A 135 -8.79 -9.79 5.49
C SER A 135 -9.04 -9.29 6.90
N LEU A 136 -8.23 -8.35 7.33
CA LEU A 136 -8.43 -7.71 8.61
C LEU A 136 -9.26 -6.44 8.46
N GLY A 137 -9.06 -5.70 7.36
CA GLY A 137 -9.88 -4.53 7.11
C GLY A 137 -10.80 -4.69 5.91
N PRO A 138 -11.52 -3.62 5.53
CA PRO A 138 -12.32 -3.58 4.30
C PRO A 138 -11.46 -3.68 3.03
N LYS A 139 -11.88 -4.48 2.06
CA LYS A 139 -11.16 -4.56 0.79
C LYS A 139 -10.95 -3.15 0.19
N LEU A 140 -9.81 -2.98 -0.48
CA LEU A 140 -9.50 -1.74 -1.18
C LEU A 140 -9.75 -1.93 -2.68
N TYR A 141 -10.71 -1.18 -3.23
CA TYR A 141 -11.02 -1.28 -4.66
C TYR A 141 -10.36 -0.17 -5.48
N GLY A 142 -10.11 0.96 -4.85
CA GLY A 142 -9.64 2.09 -5.61
C GLY A 142 -8.89 3.09 -4.76
N ILE A 143 -7.74 3.54 -5.26
CA ILE A 143 -7.01 4.56 -4.56
C ILE A 143 -6.61 5.67 -5.52
N PHE A 144 -6.75 6.91 -5.07
CA PHE A 144 -6.50 8.08 -5.92
C PHE A 144 -6.26 9.28 -5.01
N PRO A 145 -5.75 10.38 -5.58
CA PRO A 145 -5.37 11.51 -4.72
C PRO A 145 -6.47 12.01 -3.78
N GLN A 146 -7.69 12.12 -4.29
CA GLN A 146 -8.79 12.69 -3.53
C GLN A 146 -9.43 11.71 -2.55
N GLY A 147 -9.11 10.44 -2.67
CA GLY A 147 -9.61 9.47 -1.69
C GLY A 147 -9.49 8.03 -2.10
N ARG A 148 -10.42 7.20 -1.65
CA ARG A 148 -10.38 5.79 -1.98
C ARG A 148 -11.78 5.18 -2.05
N LEU A 149 -11.86 3.99 -2.67
CA LEU A 149 -13.10 3.23 -2.69
C LEU A 149 -12.91 1.91 -1.94
N GLU A 150 -13.74 1.69 -0.93
CA GLU A 150 -13.57 0.55 -0.02
C GLU A 150 -14.79 -0.37 -0.05
N GLN A 151 -14.61 -1.59 0.43
CA GLN A 151 -15.74 -2.50 0.60
C GLN A 151 -16.82 -1.86 1.47
N PHE A 152 -18.08 -2.10 1.12
CA PHE A 152 -19.16 -1.69 2.00
C PHE A 152 -19.55 -2.86 2.87
N ILE A 153 -19.47 -2.63 4.17
CA ILE A 153 -19.69 -3.67 5.15
C ILE A 153 -20.96 -3.36 5.92
N PRO A 154 -22.06 -4.06 5.59
CA PRO A 154 -23.30 -3.78 6.33
C PRO A 154 -23.06 -4.05 7.81
N SER A 155 -23.37 -3.06 8.64
CA SER A 155 -22.99 -3.06 10.04
C SER A 155 -23.47 -1.76 10.64
N ARG A 156 -23.52 -1.70 11.97
CA ARG A 156 -23.55 -0.42 12.66
C ARG A 156 -22.34 -0.42 13.58
N ARG A 157 -22.08 0.72 14.21
CA ARG A 157 -21.02 0.78 15.19
C ARG A 157 -21.55 0.47 16.58
N LEU A 158 -20.66 -0.02 17.44
CA LEU A 158 -21.02 -0.30 18.82
C LEU A 158 -21.34 0.98 19.57
N ASP A 159 -22.25 0.88 20.54
CA ASP A 159 -22.54 1.98 21.44
C ASP A 159 -21.59 1.87 22.62
N THR A 160 -21.31 2.99 23.27
CA THR A 160 -20.37 3.00 24.38
C THR A 160 -20.68 1.94 25.44
N GLU A 161 -21.95 1.80 25.80
CA GLU A 161 -22.35 0.86 26.85
C GLU A 161 -22.29 -0.61 26.43
N GLU A 162 -22.06 -0.86 25.14
CA GLU A 162 -21.88 -2.23 24.67
C GLU A 162 -20.44 -2.72 24.84
N LEU A 163 -19.50 -1.79 25.02
CA LEU A 163 -18.11 -2.18 25.17
C LEU A 163 -17.90 -3.12 26.36
N SER A 164 -18.80 -3.07 27.33
CA SER A 164 -18.66 -3.86 28.56
C SER A 164 -19.35 -5.23 28.52
N LEU A 165 -20.31 -5.41 27.62
CA LEU A 165 -20.91 -6.73 27.41
C LEU A 165 -19.82 -7.78 27.25
N PRO A 166 -19.86 -8.84 28.06
CA PRO A 166 -18.80 -9.86 28.14
C PRO A 166 -18.31 -10.46 26.81
N ASP A 167 -19.23 -10.81 25.90
CA ASP A 167 -18.84 -11.45 24.65
C ASP A 167 -18.21 -10.44 23.68
N ILE A 168 -18.77 -9.23 23.65
CA ILE A 168 -18.18 -8.14 22.89
C ILE A 168 -16.72 -7.92 23.31
N SER A 169 -16.53 -7.65 24.60
CA SER A 169 -15.21 -7.37 25.14
C SER A 169 -14.21 -8.49 24.86
N ALA A 170 -14.63 -9.72 25.06
CA ALA A 170 -13.77 -10.88 24.80
C ALA A 170 -13.26 -10.85 23.38
N GLU A 171 -14.17 -10.72 22.42
CA GLU A 171 -13.78 -10.69 21.01
C GLU A 171 -12.92 -9.47 20.66
N ILE A 172 -13.29 -8.30 21.20
CA ILE A 172 -12.48 -7.11 20.98
C ILE A 172 -11.06 -7.40 21.42
N ALA A 173 -10.93 -8.21 22.49
CA ALA A 173 -9.61 -8.56 23.01
C ALA A 173 -8.89 -9.54 22.11
N GLU A 174 -9.64 -10.47 21.51
CA GLU A 174 -9.08 -11.39 20.55
C GLU A 174 -8.63 -10.62 19.32
N LYS A 175 -9.53 -9.80 18.78
CA LYS A 175 -9.25 -9.01 17.59
C LYS A 175 -8.05 -8.11 17.78
N MET A 176 -7.95 -7.47 18.94
CA MET A 176 -6.82 -6.59 19.19
C MET A 176 -5.52 -7.39 19.32
N ALA A 177 -5.57 -8.52 20.03
CA ALA A 177 -4.41 -9.38 20.17
C ALA A 177 -3.96 -9.86 18.80
N THR A 178 -4.92 -10.15 17.93
CA THR A 178 -4.63 -10.57 16.56
C THR A 178 -3.96 -9.41 15.83
N PHE A 179 -4.61 -8.26 15.89
CA PHE A 179 -4.09 -7.02 15.34
C PHE A 179 -2.61 -6.78 15.78
N HIS A 180 -2.26 -7.18 17.00
CA HIS A 180 -0.92 -6.91 17.55
C HIS A 180 0.19 -7.83 17.03
N GLY A 181 -0.18 -9.06 16.67
CA GLY A 181 0.80 -10.00 16.19
C GLY A 181 1.22 -9.80 14.73
N MET A 182 0.60 -8.86 14.05
CA MET A 182 0.94 -8.58 12.66
C MET A 182 2.30 -7.94 12.46
N LYS A 183 2.99 -8.36 11.42
CA LYS A 183 4.17 -7.66 10.93
C LYS A 183 3.75 -6.60 9.94
N MET A 184 4.21 -5.38 10.14
CA MET A 184 3.95 -4.30 9.21
C MET A 184 5.25 -3.62 8.80
N PRO A 185 5.32 -3.09 7.58
CA PRO A 185 6.56 -2.49 7.08
C PRO A 185 6.89 -1.12 7.68
N PHE A 186 6.66 -0.94 8.97
CA PHE A 186 6.87 0.38 9.56
C PHE A 186 7.96 0.38 10.63
N ASN A 187 8.33 1.56 11.08
CA ASN A 187 9.40 1.71 12.06
C ASN A 187 8.97 1.11 13.39
N LYS A 188 9.81 0.21 13.93
CA LYS A 188 9.43 -0.61 15.07
C LYS A 188 9.86 0.04 16.38
N GLU A 189 10.37 1.26 16.29
CA GLU A 189 10.78 2.02 17.48
C GLU A 189 9.58 2.68 18.13
N PRO A 190 9.36 2.39 19.43
CA PRO A 190 8.18 2.87 20.17
C PRO A 190 8.19 4.38 20.46
N LYS A 191 8.43 5.20 19.43
CA LYS A 191 8.58 6.63 19.65
C LYS A 191 7.30 7.41 19.38
N TRP A 192 6.27 6.74 18.89
CA TRP A 192 5.03 7.40 18.53
C TRP A 192 4.34 8.09 19.72
N LEU A 193 4.32 7.42 20.87
CA LEU A 193 3.57 7.87 22.05
C LEU A 193 4.03 9.22 22.61
N PHE A 194 5.29 9.30 23.02
CA PHE A 194 5.84 10.54 23.53
C PHE A 194 6.24 11.51 22.42
N GLY A 195 6.56 10.98 21.25
CA GLY A 195 6.74 11.85 20.10
C GLY A 195 5.48 12.65 19.83
N THR A 196 4.34 11.97 19.86
CA THR A 196 3.04 12.59 19.61
C THR A 196 2.64 13.55 20.71
N MET A 197 2.80 13.16 21.97
CA MET A 197 2.46 14.03 23.09
C MET A 197 3.35 15.26 23.11
N GLU A 198 4.64 15.06 22.82
CA GLU A 198 5.55 16.19 22.72
C GLU A 198 5.16 17.17 21.62
N LYS A 199 4.77 16.64 20.46
CA LYS A 199 4.28 17.48 19.38
C LYS A 199 3.08 18.29 19.85
N TYR A 200 2.11 17.62 20.46
CA TYR A 200 0.92 18.32 20.88
C TYR A 200 1.21 19.35 21.98
N LEU A 201 2.06 18.99 22.93
CA LEU A 201 2.41 19.90 24.04
C LEU A 201 3.02 21.21 23.51
N LYS A 202 4.00 21.09 22.61
CA LYS A 202 4.63 22.27 22.04
C LYS A 202 3.63 23.17 21.31
N GLU A 203 2.72 22.57 20.55
CA GLU A 203 1.67 23.35 19.88
C GLU A 203 0.77 24.01 20.91
N VAL A 204 0.42 23.26 21.95
CA VAL A 204 -0.51 23.74 22.97
C VAL A 204 0.01 24.99 23.68
N LEU A 205 1.29 24.97 24.03
CA LEU A 205 1.91 26.08 24.78
C LEU A 205 1.93 27.40 23.99
N ARG A 206 1.90 27.32 22.67
CA ARG A 206 1.92 28.53 21.87
C ARG A 206 0.62 28.85 21.14
N ILE A 207 -0.52 28.34 21.63
CA ILE A 207 -1.80 28.78 21.07
C ILE A 207 -2.52 29.78 21.97
N LYS A 208 -3.05 30.84 21.35
CA LYS A 208 -3.74 31.89 22.06
C LYS A 208 -5.16 32.05 21.54
N PHE A 209 -6.14 31.76 22.38
CA PHE A 209 -7.55 31.94 22.02
C PHE A 209 -7.93 33.41 22.14
N THR A 210 -9.01 33.80 21.48
CA THR A 210 -9.64 35.06 21.81
C THR A 210 -10.81 34.76 22.73
N GLU A 211 -11.93 34.33 22.15
CA GLU A 211 -13.08 33.85 22.90
C GLU A 211 -12.79 33.52 24.38
N GLU A 212 -13.51 34.18 25.30
CA GLU A 212 -13.15 34.17 26.73
C GLU A 212 -13.20 32.79 27.40
N SER A 213 -14.32 32.09 27.26
CA SER A 213 -14.49 30.79 27.89
C SER A 213 -13.42 29.80 27.44
N ARG A 214 -13.06 29.82 26.16
CA ARG A 214 -11.94 29.02 25.70
C ARG A 214 -10.69 29.43 26.45
N ILE A 215 -10.47 30.74 26.59
CA ILE A 215 -9.27 31.26 27.24
C ILE A 215 -9.16 30.84 28.71
N LYS A 216 -10.27 30.90 29.43
CA LYS A 216 -10.26 30.50 30.85
C LYS A 216 -10.01 28.99 31.01
N LYS A 217 -10.63 28.19 30.14
CA LYS A 217 -10.44 26.75 30.16
C LYS A 217 -8.98 26.39 29.90
N LEU A 218 -8.34 27.10 28.98
CA LEU A 218 -6.95 26.81 28.65
C LEU A 218 -6.06 27.15 29.84
N HIS A 219 -6.45 28.15 30.60
CA HIS A 219 -5.62 28.60 31.72
C HIS A 219 -5.66 27.63 32.91
N LYS A 220 -6.83 27.04 33.17
CA LYS A 220 -6.93 26.06 34.22
C LYS A 220 -6.09 24.83 33.89
N LEU A 221 -6.04 24.49 32.61
CA LEU A 221 -5.29 23.33 32.15
C LEU A 221 -3.78 23.56 32.26
N LEU A 222 -3.33 24.77 31.94
CA LEU A 222 -1.90 25.10 32.04
C LEU A 222 -1.47 25.26 33.50
N SER A 223 -2.44 25.50 34.38
CA SER A 223 -2.19 25.52 35.82
C SER A 223 -1.39 24.29 36.24
N TYR A 224 -1.77 23.15 35.69
CA TYR A 224 -1.23 21.86 36.10
C TYR A 224 0.28 21.73 35.82
N ASN A 225 0.82 22.64 35.03
CA ASN A 225 2.20 22.53 34.53
C ASN A 225 2.34 21.23 33.74
N LEU A 226 1.84 21.24 32.51
CA LEU A 226 1.78 20.04 31.68
C LEU A 226 3.16 19.51 31.32
N PRO A 227 4.11 20.43 31.02
CA PRO A 227 5.44 19.94 30.64
C PRO A 227 6.14 19.12 31.71
N LEU A 228 6.04 19.57 32.96
CA LEU A 228 6.60 18.84 34.09
C LEU A 228 5.80 17.55 34.29
N GLU A 229 4.48 17.66 34.20
CA GLU A 229 3.63 16.49 34.29
C GLU A 229 3.91 15.48 33.19
N LEU A 230 4.20 15.95 31.98
CA LEU A 230 4.56 15.07 30.89
C LEU A 230 5.82 14.26 31.26
N GLU A 231 6.79 14.95 31.83
CA GLU A 231 8.04 14.33 32.24
C GLU A 231 7.83 13.32 33.37
N ASN A 232 6.95 13.69 34.30
CA ASN A 232 6.56 12.81 35.39
C ASN A 232 5.94 11.51 34.83
N LEU A 233 5.06 11.67 33.84
CA LEU A 233 4.47 10.54 33.15
C LEU A 233 5.54 9.70 32.43
N ARG A 234 6.52 10.36 31.83
CA ARG A 234 7.59 9.63 31.16
C ARG A 234 8.35 8.75 32.15
N SER A 235 8.68 9.29 33.32
CA SER A 235 9.46 8.51 34.27
C SER A 235 8.63 7.31 34.74
N LEU A 236 7.37 7.55 35.04
CA LEU A 236 6.47 6.49 35.46
C LEU A 236 6.32 5.36 34.42
N LEU A 237 6.18 5.73 33.15
CA LEU A 237 6.03 4.74 32.08
C LEU A 237 7.39 4.16 31.63
N GLU A 238 8.45 4.91 31.88
CA GLU A 238 9.81 4.42 31.62
C GLU A 238 10.16 3.19 32.45
N SER A 239 9.51 3.04 33.59
CA SER A 239 9.81 1.91 34.47
C SER A 239 8.80 0.78 34.31
N THR A 240 7.98 0.86 33.26
CA THR A 240 6.84 -0.04 33.08
C THR A 240 6.96 -0.87 31.79
N PRO A 241 7.47 -2.11 31.90
CA PRO A 241 7.64 -2.96 30.72
C PRO A 241 6.33 -3.22 30.00
N SER A 242 6.31 -2.90 28.71
CA SER A 242 5.21 -3.28 27.82
C SER A 242 5.75 -3.59 26.44
N PRO A 243 5.39 -4.77 25.90
CA PRO A 243 5.87 -5.22 24.59
C PRO A 243 5.43 -4.26 23.49
N VAL A 244 6.37 -3.85 22.63
CA VAL A 244 6.05 -2.97 21.51
C VAL A 244 5.45 -3.78 20.37
N VAL A 245 4.21 -3.47 20.01
CA VAL A 245 3.49 -4.18 18.95
C VAL A 245 2.78 -3.20 18.02
N PHE A 246 2.13 -3.71 16.98
CA PHE A 246 1.40 -2.82 16.09
C PHE A 246 0.05 -2.49 16.69
N CYS A 247 -0.15 -1.23 17.07
CA CYS A 247 -1.34 -0.83 17.81
C CYS A 247 -2.30 -0.06 16.92
N HIS A 248 -3.59 -0.29 17.13
CA HIS A 248 -4.62 0.54 16.52
C HIS A 248 -4.54 1.99 17.01
N ASN A 249 -4.40 2.16 18.32
CA ASN A 249 -4.16 3.47 18.95
C ASN A 249 -5.39 4.37 19.15
N ASP A 250 -6.56 3.90 18.70
CA ASP A 250 -7.79 4.67 18.80
C ASP A 250 -8.94 3.66 18.73
N CYS A 251 -8.80 2.60 19.49
CA CYS A 251 -9.77 1.53 19.45
C CYS A 251 -10.98 1.88 20.33
N GLN A 252 -11.74 2.89 19.90
CA GLN A 252 -12.97 3.29 20.56
C GLN A 252 -14.21 2.67 19.88
N GLU A 253 -15.36 2.74 20.56
CA GLU A 253 -16.57 2.08 20.08
C GLU A 253 -16.94 2.46 18.65
N GLY A 254 -16.73 3.73 18.27
CA GLY A 254 -17.07 4.17 16.93
C GLY A 254 -16.14 3.66 15.84
N ASN A 255 -15.10 2.94 16.24
CA ASN A 255 -14.18 2.34 15.28
C ASN A 255 -14.27 0.82 15.31
N ILE A 256 -15.39 0.30 15.83
CA ILE A 256 -15.63 -1.13 15.82
C ILE A 256 -16.99 -1.46 15.18
N LEU A 257 -16.98 -2.31 14.16
CA LEU A 257 -18.18 -2.62 13.44
C LEU A 257 -18.86 -3.82 14.04
N LEU A 258 -20.17 -3.70 14.27
CA LEU A 258 -21.01 -4.87 14.55
C LEU A 258 -21.55 -5.38 13.22
N LEU A 259 -21.03 -6.52 12.78
CA LEU A 259 -21.31 -7.01 11.44
C LEU A 259 -22.74 -7.56 11.31
N GLU A 260 -23.47 -7.07 10.31
CA GLU A 260 -24.83 -7.56 10.06
C GLU A 260 -24.88 -9.02 9.68
N GLY A 261 -25.90 -9.70 10.19
CA GLY A 261 -26.06 -11.12 9.94
C GLY A 261 -25.22 -12.00 10.84
N ARG A 262 -24.67 -11.43 11.91
CA ARG A 262 -23.80 -12.18 12.80
C ARG A 262 -24.02 -11.91 14.29
N GLU A 263 -25.09 -11.21 14.62
CA GLU A 263 -25.41 -10.88 16.02
C GLU A 263 -25.70 -12.13 16.87
N ASN A 264 -25.62 -13.30 16.24
CA ASN A 264 -25.79 -14.56 16.95
C ASN A 264 -24.44 -15.21 17.26
N SER A 265 -23.55 -15.22 16.28
CA SER A 265 -22.18 -15.70 16.50
C SER A 265 -21.67 -15.10 17.80
N GLU A 266 -20.83 -15.86 18.50
CA GLU A 266 -20.39 -15.46 19.82
C GLU A 266 -19.02 -14.76 19.79
N LYS A 267 -18.13 -15.26 18.93
CA LYS A 267 -16.76 -14.75 18.89
C LYS A 267 -16.37 -14.15 17.54
N GLN A 268 -17.35 -14.05 16.63
CA GLN A 268 -17.07 -13.57 15.27
C GLN A 268 -18.05 -12.52 14.71
N LYS A 269 -18.42 -11.52 15.49
CA LYS A 269 -19.35 -10.53 14.98
C LYS A 269 -18.80 -9.11 14.87
N LEU A 270 -17.51 -8.94 15.14
CA LEU A 270 -16.89 -7.61 15.11
C LEU A 270 -15.76 -7.47 14.08
N MET A 271 -15.54 -6.24 13.62
CA MET A 271 -14.35 -5.85 12.86
C MET A 271 -13.85 -4.47 13.30
N LEU A 272 -12.53 -4.34 13.48
CA LEU A 272 -11.89 -3.08 13.83
C LEU A 272 -11.56 -2.31 12.56
N ILE A 273 -11.93 -1.04 12.52
CA ILE A 273 -11.67 -0.20 11.36
C ILE A 273 -11.04 1.13 11.74
N ASP A 274 -10.76 1.93 10.72
CA ASP A 274 -10.26 3.30 10.88
C ASP A 274 -8.94 3.37 11.61
N PHE A 275 -7.88 3.02 10.90
CA PHE A 275 -6.56 2.86 11.51
C PHE A 275 -5.64 4.06 11.28
N GLU A 276 -6.22 5.25 11.19
CA GLU A 276 -5.44 6.44 10.88
C GLU A 276 -4.33 6.75 11.91
N TYR A 277 -4.49 6.26 13.14
CA TYR A 277 -3.54 6.58 14.21
C TYR A 277 -2.59 5.43 14.52
N SER A 278 -2.82 4.29 13.87
CA SER A 278 -2.02 3.10 14.07
C SER A 278 -0.52 3.32 13.87
N SER A 279 0.25 2.51 14.60
CA SER A 279 1.71 2.60 14.59
C SER A 279 2.27 1.65 15.65
N TYR A 280 3.51 1.23 15.49
CA TYR A 280 4.13 0.42 16.52
C TYR A 280 4.21 1.24 17.80
N ASN A 281 3.77 0.63 18.89
CA ASN A 281 3.55 1.33 20.14
C ASN A 281 3.47 0.33 21.30
N TYR A 282 3.52 0.85 22.53
CA TYR A 282 3.42 0.00 23.70
C TYR A 282 2.04 -0.65 23.77
N ARG A 283 2.03 -1.98 23.90
CA ARG A 283 0.78 -2.70 23.98
C ARG A 283 -0.11 -2.07 25.04
N GLY A 284 0.50 -1.65 26.15
CA GLY A 284 -0.26 -1.09 27.25
C GLY A 284 -1.11 0.09 26.83
N PHE A 285 -0.57 0.93 25.94
CA PHE A 285 -1.32 2.08 25.46
C PHE A 285 -2.60 1.67 24.74
N ASP A 286 -2.50 0.71 23.84
CA ASP A 286 -3.64 0.31 23.02
C ASP A 286 -4.80 -0.21 23.89
N ILE A 287 -4.50 -1.08 24.85
CA ILE A 287 -5.51 -1.63 25.75
C ILE A 287 -5.93 -0.58 26.76
N GLY A 288 -4.95 0.07 27.38
CA GLY A 288 -5.27 1.13 28.31
C GLY A 288 -6.20 2.17 27.68
N ASN A 289 -5.96 2.48 26.41
CA ASN A 289 -6.77 3.49 25.71
C ASN A 289 -8.17 2.96 25.55
N HIS A 290 -8.30 1.70 25.15
CA HIS A 290 -9.61 1.09 25.04
C HIS A 290 -10.40 1.08 26.36
N PHE A 291 -9.76 0.72 27.47
CA PHE A 291 -10.42 0.82 28.77
C PHE A 291 -10.91 2.26 29.01
N CYS A 292 -10.09 3.24 28.65
CA CYS A 292 -10.48 4.63 28.87
C CYS A 292 -11.76 4.96 28.12
N GLU A 293 -11.89 4.41 26.91
CA GLU A 293 -13.04 4.65 26.08
C GLU A 293 -14.37 4.15 26.63
N TRP A 294 -14.32 3.29 27.65
CA TRP A 294 -15.53 2.80 28.27
C TRP A 294 -16.26 3.98 28.90
N MET A 295 -15.48 5.01 29.19
CA MET A 295 -15.93 6.11 30.03
C MET A 295 -16.53 7.24 29.22
N TYR A 296 -16.33 7.22 27.91
CA TYR A 296 -16.72 8.37 27.08
C TYR A 296 -17.73 8.00 26.01
N ASP A 297 -18.84 8.73 26.03
CA ASP A 297 -19.94 8.54 25.10
C ASP A 297 -20.02 9.80 24.24
N TYR A 298 -19.81 9.63 22.94
CA TYR A 298 -19.73 10.74 22.00
C TYR A 298 -21.06 10.92 21.26
N SER A 299 -22.05 10.10 21.60
CA SER A 299 -23.36 10.16 20.95
C SER A 299 -24.32 11.14 21.64
N TYR A 300 -23.82 11.83 22.67
CA TYR A 300 -24.63 12.79 23.42
C TYR A 300 -24.92 14.00 22.55
N GLU A 301 -26.18 14.41 22.50
CA GLU A 301 -26.67 15.26 21.42
C GLU A 301 -26.64 16.77 21.69
N LYS A 302 -26.21 17.16 22.88
CA LYS A 302 -26.04 18.58 23.20
C LYS A 302 -24.60 18.88 23.58
N TYR A 303 -24.25 20.17 23.57
CA TYR A 303 -22.91 20.63 23.98
C TYR A 303 -22.60 20.13 25.39
N PRO A 304 -21.35 19.68 25.64
CA PRO A 304 -20.17 19.62 24.77
C PRO A 304 -20.13 18.40 23.86
N PHE A 305 -21.21 17.64 23.84
CA PHE A 305 -21.38 16.56 22.87
C PHE A 305 -20.62 15.29 23.23
N PHE A 306 -20.40 15.10 24.53
CA PHE A 306 -20.03 13.80 25.05
C PHE A 306 -20.47 13.74 26.50
N ARG A 307 -20.61 12.54 27.05
CA ARG A 307 -20.70 12.36 28.49
C ARG A 307 -19.46 11.60 28.97
N ALA A 308 -18.80 12.12 30.00
CA ALA A 308 -17.74 11.38 30.69
C ALA A 308 -18.31 10.73 31.94
N ASN A 309 -17.99 9.45 32.16
CA ASN A 309 -18.34 8.82 33.44
C ASN A 309 -17.22 7.92 33.95
N ILE A 310 -16.48 8.41 34.94
CA ILE A 310 -15.34 7.69 35.50
C ILE A 310 -15.79 6.39 36.16
N ARG A 311 -17.06 6.32 36.53
CA ARG A 311 -17.57 5.13 37.20
C ARG A 311 -17.77 3.97 36.22
N LYS A 312 -17.64 4.26 34.93
CA LYS A 312 -17.88 3.26 33.87
C LYS A 312 -16.61 2.55 33.43
N TYR A 313 -15.46 3.05 33.87
CA TYR A 313 -14.19 2.40 33.63
C TYR A 313 -14.30 0.95 34.10
N PRO A 314 -13.68 0.00 33.38
CA PRO A 314 -13.88 -1.40 33.73
C PRO A 314 -13.31 -1.75 35.09
N THR A 315 -14.06 -2.58 35.82
CA THR A 315 -13.64 -3.08 37.12
C THR A 315 -12.49 -4.05 36.92
N LYS A 316 -11.84 -4.41 38.02
CA LYS A 316 -10.73 -5.36 37.96
C LYS A 316 -11.23 -6.66 37.34
N LYS A 317 -12.44 -7.05 37.69
CA LYS A 317 -13.00 -8.28 37.14
C LYS A 317 -13.13 -8.17 35.63
N GLN A 318 -13.73 -7.08 35.16
CA GLN A 318 -13.92 -6.87 33.73
C GLN A 318 -12.60 -6.75 32.97
N GLN A 319 -11.57 -6.23 33.64
CA GLN A 319 -10.30 -6.06 32.97
C GLN A 319 -9.65 -7.42 32.82
N LEU A 320 -9.79 -8.25 33.84
CA LEU A 320 -9.20 -9.57 33.82
C LEU A 320 -9.87 -10.39 32.73
N HIS A 321 -11.18 -10.27 32.63
CA HIS A 321 -11.93 -10.98 31.61
C HIS A 321 -11.45 -10.58 30.22
N PHE A 322 -11.15 -9.30 30.04
CA PHE A 322 -10.64 -8.83 28.77
C PHE A 322 -9.30 -9.47 28.46
N ILE A 323 -8.34 -9.35 29.38
CA ILE A 323 -7.00 -9.84 29.08
C ILE A 323 -6.94 -11.36 29.15
N SER A 324 -8.00 -11.98 29.69
CA SER A 324 -8.10 -13.43 29.70
C SER A 324 -8.40 -13.96 28.29
N SER A 325 -9.10 -13.15 27.48
CA SER A 325 -9.26 -13.44 26.07
C SER A 325 -8.06 -12.99 25.25
N TYR A 326 -7.44 -11.89 25.68
CA TYR A 326 -6.33 -11.35 24.92
C TYR A 326 -5.08 -12.22 24.92
N LEU A 327 -4.73 -12.77 26.08
CA LEU A 327 -3.43 -13.43 26.24
C LEU A 327 -3.32 -14.77 25.50
N PRO A 328 -4.34 -15.63 25.62
CA PRO A 328 -4.26 -16.85 24.81
C PRO A 328 -4.34 -16.55 23.32
N ALA A 329 -4.98 -15.42 22.98
CA ALA A 329 -5.06 -14.97 21.58
C ALA A 329 -3.77 -14.31 21.10
N PHE A 330 -2.94 -13.84 22.05
CA PHE A 330 -1.73 -13.13 21.68
C PHE A 330 -0.48 -14.01 21.68
N GLN A 331 -0.45 -15.01 22.55
CA GLN A 331 0.70 -15.91 22.58
C GLN A 331 0.27 -17.36 22.70
N ASN A 332 1.13 -18.25 22.20
CA ASN A 332 0.79 -19.66 22.06
C ASN A 332 0.60 -20.40 23.38
N ASP A 333 1.71 -20.67 24.05
CA ASP A 333 1.70 -21.56 25.20
C ASP A 333 0.71 -21.13 26.28
N PHE A 334 0.39 -19.83 26.31
CA PHE A 334 -0.23 -19.23 27.49
C PHE A 334 -1.30 -20.10 28.12
N GLU A 335 -2.25 -20.54 27.31
CA GLU A 335 -3.38 -21.30 27.80
C GLU A 335 -2.98 -22.34 28.83
N ASN A 336 -1.84 -23.01 28.60
CA ASN A 336 -1.39 -24.08 29.50
C ASN A 336 -0.08 -23.77 30.22
N LEU A 337 -0.02 -22.61 30.88
CA LEU A 337 1.03 -22.32 31.85
C LEU A 337 0.47 -22.58 33.25
N SER A 338 1.34 -22.73 34.23
CA SER A 338 0.87 -22.98 35.59
C SER A 338 -0.12 -21.89 36.01
N THR A 339 -1.27 -22.31 36.52
CA THR A 339 -2.31 -21.38 36.98
C THR A 339 -1.69 -20.30 37.85
N GLU A 340 -0.51 -20.59 38.38
CA GLU A 340 0.19 -19.67 39.25
C GLU A 340 1.06 -18.67 38.48
N GLU A 341 1.53 -19.05 37.30
CA GLU A 341 2.28 -18.11 36.48
C GLU A 341 1.38 -17.35 35.52
N LYS A 342 0.20 -17.90 35.25
CA LYS A 342 -0.82 -17.15 34.53
C LYS A 342 -1.22 -15.90 35.32
N SER A 343 -1.31 -16.04 36.64
CA SER A 343 -1.75 -14.93 37.50
C SER A 343 -0.75 -13.80 37.58
N ILE A 344 0.53 -14.17 37.70
CA ILE A 344 1.59 -13.18 37.75
C ILE A 344 1.59 -12.34 36.47
N ILE A 345 1.45 -13.01 35.33
CA ILE A 345 1.36 -12.32 34.05
C ILE A 345 0.18 -11.36 34.03
N LYS A 346 -1.00 -11.89 34.32
CA LYS A 346 -2.23 -11.10 34.34
C LYS A 346 -2.14 -9.89 35.26
N GLU A 347 -1.76 -10.11 36.51
CA GLU A 347 -1.64 -9.05 37.50
C GLU A 347 -0.67 -7.96 37.04
N GLU A 348 0.45 -8.38 36.48
CA GLU A 348 1.46 -7.45 36.01
C GLU A 348 0.93 -6.67 34.81
N MET A 349 0.24 -7.39 33.92
CA MET A 349 -0.30 -6.79 32.71
C MET A 349 -1.38 -5.76 33.03
N LEU A 350 -2.13 -5.99 34.10
CA LEU A 350 -3.12 -5.01 34.57
C LEU A 350 -2.44 -3.73 35.03
N LEU A 351 -1.40 -3.88 35.86
CA LEU A 351 -0.61 -2.75 36.29
C LEU A 351 -0.12 -1.96 35.07
N GLU A 352 0.33 -2.70 34.06
CA GLU A 352 0.83 -2.09 32.86
C GLU A 352 -0.22 -1.31 32.07
N VAL A 353 -1.38 -1.89 31.80
CA VAL A 353 -2.39 -1.22 30.97
C VAL A 353 -3.10 -0.09 31.73
N ASN A 354 -3.16 -0.20 33.05
CA ASN A 354 -3.72 0.87 33.87
C ASN A 354 -2.77 2.06 34.01
N ARG A 355 -1.46 1.79 33.98
CA ARG A 355 -0.48 2.85 33.95
C ARG A 355 -0.47 3.55 32.60
N PHE A 356 -0.54 2.75 31.54
CA PHE A 356 -0.47 3.32 30.21
C PHE A 356 -1.76 4.02 29.87
N ALA A 357 -2.85 3.67 30.56
CA ALA A 357 -4.10 4.41 30.37
C ALA A 357 -3.92 5.88 30.75
N LEU A 358 -2.93 6.16 31.59
CA LEU A 358 -2.62 7.55 31.93
C LEU A 358 -2.10 8.33 30.71
N ALA A 359 -1.40 7.65 29.82
CA ALA A 359 -0.93 8.27 28.58
C ALA A 359 -2.11 8.49 27.62
N SER A 360 -3.11 7.62 27.74
CA SER A 360 -4.34 7.78 26.99
C SER A 360 -5.02 9.11 27.32
N HIS A 361 -5.16 9.41 28.61
CA HIS A 361 -5.82 10.65 29.03
C HIS A 361 -4.96 11.84 28.61
N PHE A 362 -3.65 11.69 28.74
CA PHE A 362 -2.74 12.82 28.55
C PHE A 362 -2.59 13.15 27.06
N LEU A 363 -2.51 12.11 26.25
CA LEU A 363 -2.38 12.27 24.80
C LEU A 363 -3.62 12.90 24.17
N TRP A 364 -4.80 12.40 24.52
CA TRP A 364 -6.00 12.88 23.88
C TRP A 364 -6.48 14.19 24.50
N GLY A 365 -6.10 14.41 25.76
CA GLY A 365 -6.34 15.70 26.39
C GLY A 365 -5.58 16.80 25.67
N LEU A 366 -4.32 16.52 25.32
CA LEU A 366 -3.50 17.46 24.57
C LEU A 366 -4.05 17.60 23.15
N TRP A 367 -4.22 16.47 22.47
CA TRP A 367 -4.82 16.42 21.14
C TRP A 367 -6.04 17.34 21.13
N SER A 368 -6.87 17.21 22.16
CA SER A 368 -8.16 17.88 22.19
C SER A 368 -8.00 19.39 22.24
N ILE A 369 -7.01 19.86 22.98
CA ILE A 369 -6.76 21.30 23.11
C ILE A 369 -6.26 21.85 21.76
N VAL A 370 -5.42 21.08 21.09
CA VAL A 370 -4.99 21.41 19.74
C VAL A 370 -6.20 21.50 18.80
N GLN A 371 -7.14 20.58 18.95
CA GLN A 371 -8.28 20.54 18.03
C GLN A 371 -9.18 21.75 18.24
N ALA A 372 -9.07 22.36 19.42
CA ALA A 372 -9.93 23.47 19.78
C ALA A 372 -9.49 24.75 19.07
N LYS A 373 -8.23 24.76 18.64
CA LYS A 373 -7.72 25.90 17.90
C LYS A 373 -7.98 25.75 16.40
N ILE A 374 -7.84 24.52 15.90
CA ILE A 374 -7.78 24.28 14.46
C ILE A 374 -9.06 23.69 13.85
N SER A 375 -9.82 22.95 14.66
CA SER A 375 -11.00 22.24 14.14
C SER A 375 -12.26 23.11 14.14
N SER A 376 -13.08 22.92 13.11
CA SER A 376 -14.33 23.67 12.98
C SER A 376 -15.51 22.76 13.35
N ILE A 377 -15.21 21.48 13.53
CA ILE A 377 -16.22 20.50 13.92
C ILE A 377 -16.88 20.91 15.23
N GLU A 378 -18.20 20.77 15.30
CA GLU A 378 -18.93 21.11 16.51
C GLU A 378 -18.72 20.04 17.58
N PHE A 379 -17.86 20.34 18.55
CA PHE A 379 -17.56 19.41 19.65
C PHE A 379 -16.94 20.25 20.76
N GLY A 380 -17.28 19.93 22.01
CA GLY A 380 -16.68 20.65 23.11
C GLY A 380 -15.27 20.15 23.39
N TYR A 381 -14.31 20.55 22.56
CA TYR A 381 -12.95 20.05 22.68
C TYR A 381 -12.25 20.48 23.98
N MET A 382 -12.46 21.73 24.38
CA MET A 382 -11.90 22.22 25.63
C MET A 382 -12.48 21.48 26.82
N ASP A 383 -13.80 21.31 26.84
CA ASP A 383 -14.42 20.58 27.94
C ASP A 383 -13.91 19.15 27.98
N TYR A 384 -13.79 18.55 26.80
CA TYR A 384 -13.26 17.19 26.68
C TYR A 384 -11.79 17.08 27.12
N ALA A 385 -11.00 18.11 26.86
CA ALA A 385 -9.63 18.18 27.36
C ALA A 385 -9.60 18.12 28.89
N GLN A 386 -10.42 18.96 29.52
CA GLN A 386 -10.54 18.95 30.97
C GLN A 386 -11.02 17.59 31.47
N ALA A 387 -12.05 17.05 30.83
CA ALA A 387 -12.56 15.76 31.26
C ALA A 387 -11.44 14.72 31.27
N ARG A 388 -10.59 14.73 30.25
CA ARG A 388 -9.50 13.76 30.18
C ARG A 388 -8.46 13.94 31.29
N PHE A 389 -8.12 15.19 31.59
CA PHE A 389 -7.16 15.48 32.66
C PHE A 389 -7.76 15.27 34.06
N ASP A 390 -9.07 15.42 34.20
CA ASP A 390 -9.69 15.02 35.45
C ASP A 390 -9.43 13.54 35.69
N ALA A 391 -9.81 12.73 34.71
CA ALA A 391 -9.63 11.28 34.79
C ALA A 391 -8.15 10.92 34.99
N TYR A 392 -7.26 11.72 34.41
CA TYR A 392 -5.83 11.45 34.53
C TYR A 392 -5.37 11.53 35.96
N PHE A 393 -5.64 12.67 36.60
CA PHE A 393 -5.29 12.86 38.02
C PHE A 393 -6.10 11.93 38.92
N HIS A 394 -7.37 11.71 38.61
CA HIS A 394 -8.17 10.73 39.34
C HIS A 394 -7.58 9.32 39.22
N GLN A 395 -7.10 8.97 38.04
CA GLN A 395 -6.46 7.67 37.80
C GLN A 395 -5.12 7.58 38.54
N LYS A 396 -4.38 8.69 38.57
CA LYS A 396 -3.14 8.79 39.33
C LYS A 396 -3.39 8.47 40.80
N ARG A 397 -4.42 9.11 41.37
CA ARG A 397 -4.79 8.91 42.77
C ARG A 397 -5.16 7.46 43.05
N LYS A 398 -5.90 6.85 42.14
CA LYS A 398 -6.26 5.44 42.22
C LYS A 398 -5.04 4.53 42.31
N LEU A 399 -4.01 4.84 41.52
CA LEU A 399 -2.83 4.00 41.44
C LEU A 399 -1.78 4.35 42.48
N GLY A 400 -2.01 5.42 43.23
CA GLY A 400 -1.02 5.88 44.18
C GLY A 400 0.32 6.23 43.53
N VAL A 401 0.28 6.62 42.26
CA VAL A 401 1.49 7.08 41.58
C VAL A 401 1.51 8.60 41.43
N THR B 31 24.92 7.49 5.24
CA THR B 31 24.28 6.40 4.44
C THR B 31 24.55 5.03 5.04
N ARG B 32 25.81 4.74 5.34
CA ARG B 32 26.14 3.50 6.03
C ARG B 32 25.50 3.54 7.43
N ARG B 33 25.39 4.75 7.96
CA ARG B 33 24.62 4.95 9.19
C ARG B 33 23.13 4.99 8.91
N ARG B 34 22.72 5.76 7.89
CA ARG B 34 21.32 5.82 7.50
C ARG B 34 20.74 4.43 7.29
N ALA B 35 21.50 3.59 6.58
CA ALA B 35 21.10 2.23 6.31
C ALA B 35 21.09 1.45 7.61
N TYR B 36 22.05 1.75 8.48
CA TYR B 36 22.11 1.12 9.78
C TYR B 36 20.88 1.46 10.61
N LEU B 37 20.49 2.74 10.63
CA LEU B 37 19.31 3.15 11.38
C LEU B 37 18.04 2.54 10.82
N TRP B 38 17.85 2.64 9.50
CA TRP B 38 16.70 2.04 8.83
C TRP B 38 16.60 0.55 9.08
N CYS B 39 17.74 -0.14 9.09
CA CYS B 39 17.73 -1.58 9.34
C CYS B 39 17.52 -1.91 10.82
N LYS B 40 18.13 -1.12 11.70
CA LYS B 40 17.97 -1.38 13.13
C LYS B 40 16.52 -1.14 13.54
N GLU B 41 15.89 -0.13 12.94
CA GLU B 41 14.57 0.31 13.38
C GLU B 41 13.40 -0.39 12.68
N PHE B 42 13.60 -0.85 11.45
CA PHE B 42 12.52 -1.50 10.70
C PHE B 42 12.51 -3.01 10.78
N LEU B 43 13.67 -3.63 11.00
CA LEU B 43 13.74 -5.10 11.02
C LEU B 43 13.75 -5.68 12.43
N PRO B 44 13.02 -6.80 12.64
CA PRO B 44 12.90 -7.50 13.91
C PRO B 44 14.16 -8.24 14.35
N GLY B 45 14.03 -9.10 15.37
CA GLY B 45 15.08 -10.02 15.73
C GLY B 45 16.43 -9.39 16.05
N ALA B 46 17.49 -9.98 15.51
CA ALA B 46 18.85 -9.58 15.83
C ALA B 46 19.14 -8.15 15.39
N TRP B 47 18.38 -7.66 14.41
CA TRP B 47 18.59 -6.31 13.87
C TRP B 47 18.28 -5.25 14.92
N ARG B 48 17.47 -5.62 15.90
CA ARG B 48 17.01 -4.67 16.91
C ARG B 48 18.15 -4.26 17.83
N GLY B 49 18.86 -5.25 18.36
CA GLY B 49 19.95 -4.96 19.28
C GLY B 49 21.29 -4.74 18.59
N LEU B 50 21.28 -4.67 17.27
CA LEU B 50 22.51 -4.64 16.48
C LEU B 50 23.29 -3.36 16.74
N ARG B 51 24.61 -3.48 16.90
CA ARG B 51 25.47 -2.31 17.01
C ARG B 51 25.85 -1.82 15.62
N GLU B 52 26.47 -0.65 15.53
CA GLU B 52 26.79 -0.05 14.25
C GLU B 52 28.09 -0.62 13.67
N ASP B 53 28.91 -1.18 14.55
CA ASP B 53 30.16 -1.81 14.14
C ASP B 53 29.91 -3.28 13.78
N GLU B 54 28.67 -3.72 14.00
CA GLU B 54 28.25 -5.06 13.59
C GLU B 54 27.56 -5.05 12.23
N PHE B 55 27.33 -3.85 11.68
CA PHE B 55 26.53 -3.69 10.46
C PHE B 55 27.34 -3.98 9.20
N HIS B 56 26.86 -4.93 8.40
CA HIS B 56 27.45 -5.26 7.10
C HIS B 56 26.60 -4.68 5.97
N ILE B 57 27.14 -3.74 5.23
CA ILE B 57 26.49 -3.25 4.02
C ILE B 57 27.46 -3.15 2.87
N SER B 58 26.97 -3.45 1.66
CA SER B 58 27.75 -3.31 0.44
C SER B 58 26.78 -2.86 -0.67
N VAL B 59 27.31 -2.36 -1.78
CA VAL B 59 26.44 -1.92 -2.85
C VAL B 59 26.08 -3.07 -3.80
N ILE B 60 24.81 -3.10 -4.21
CA ILE B 60 24.34 -4.05 -5.22
C ILE B 60 24.27 -3.33 -6.56
N ARG B 61 23.81 -2.08 -6.54
CA ARG B 61 23.89 -1.19 -7.69
C ARG B 61 23.98 0.24 -7.20
N GLY B 62 25.05 0.93 -7.61
CA GLY B 62 25.16 2.34 -7.29
C GLY B 62 24.23 3.15 -8.17
N GLY B 63 24.72 4.28 -8.67
CA GLY B 63 23.93 5.10 -9.56
C GLY B 63 23.47 6.37 -8.89
N LEU B 64 22.54 7.08 -9.52
CA LEU B 64 22.02 8.34 -8.97
C LEU B 64 20.65 8.12 -8.32
N SER B 65 19.82 7.30 -8.96
CA SER B 65 18.51 6.97 -8.41
C SER B 65 18.36 5.47 -8.24
N ASN B 66 17.55 5.06 -7.27
CA ASN B 66 17.25 3.65 -7.04
C ASN B 66 18.51 2.81 -6.82
N MET B 67 19.40 3.29 -5.96
CA MET B 67 20.59 2.55 -5.59
C MET B 67 20.23 1.33 -4.75
N LEU B 68 20.73 0.18 -5.16
CA LEU B 68 20.46 -1.05 -4.43
C LEU B 68 21.63 -1.34 -3.49
N PHE B 69 21.32 -1.88 -2.32
CA PHE B 69 22.34 -2.21 -1.35
C PHE B 69 22.04 -3.56 -0.72
N GLN B 70 23.06 -4.22 -0.21
CA GLN B 70 22.88 -5.50 0.45
C GLN B 70 23.31 -5.39 1.92
N CYS B 71 22.33 -5.33 2.81
CA CYS B 71 22.60 -5.25 4.24
C CYS B 71 22.45 -6.64 4.84
N SER B 72 23.26 -6.96 5.85
CA SER B 72 23.25 -8.31 6.40
C SER B 72 23.86 -8.43 7.79
N LEU B 73 23.39 -9.43 8.54
CA LEU B 73 23.84 -9.71 9.91
C LEU B 73 25.23 -10.34 9.95
N PRO B 74 25.95 -10.19 11.08
CA PRO B 74 27.19 -10.95 11.26
C PRO B 74 26.89 -12.43 11.08
N ASP B 75 27.70 -13.13 10.29
CA ASP B 75 27.53 -14.56 10.13
C ASP B 75 27.58 -15.20 11.51
N THR B 76 28.26 -14.50 12.42
CA THR B 76 28.43 -14.95 13.80
C THR B 76 27.28 -14.46 14.69
N THR B 77 26.17 -14.06 14.07
CA THR B 77 24.98 -13.65 14.80
C THR B 77 23.78 -14.54 14.51
N ALA B 78 23.26 -15.18 15.55
CA ALA B 78 22.11 -16.06 15.41
C ALA B 78 20.81 -15.25 15.38
N THR B 79 19.90 -15.64 14.49
CA THR B 79 18.60 -14.99 14.41
C THR B 79 17.72 -15.37 15.59
N LEU B 80 16.96 -14.41 16.09
CA LEU B 80 16.07 -14.64 17.23
C LEU B 80 14.70 -15.19 16.82
N GLY B 81 14.23 -14.77 15.65
CA GLY B 81 12.92 -15.20 15.17
C GLY B 81 12.93 -15.73 13.75
N ASP B 82 11.97 -15.29 12.95
CA ASP B 82 11.93 -15.65 11.53
C ASP B 82 12.44 -14.49 10.67
N GLU B 83 13.00 -13.47 11.32
CA GLU B 83 13.50 -12.29 10.63
C GLU B 83 14.58 -12.69 9.63
N PRO B 84 14.79 -11.87 8.59
CA PRO B 84 15.77 -12.11 7.53
C PRO B 84 17.21 -11.87 7.98
N ARG B 85 18.15 -12.62 7.39
CA ARG B 85 19.56 -12.42 7.65
C ARG B 85 20.14 -11.35 6.73
N LYS B 86 19.61 -11.29 5.50
CA LYS B 86 20.12 -10.38 4.49
C LYS B 86 18.95 -9.69 3.78
N VAL B 87 19.04 -8.37 3.62
CA VAL B 87 17.97 -7.62 2.97
C VAL B 87 18.47 -6.65 1.92
N LEU B 88 17.59 -6.31 0.99
CA LEU B 88 17.89 -5.39 -0.09
C LEU B 88 17.32 -4.04 0.29
N LEU B 89 18.15 -3.01 0.24
CA LEU B 89 17.70 -1.65 0.50
C LEU B 89 17.56 -0.98 -0.85
N ARG B 90 16.60 -0.07 -0.97
CA ARG B 90 16.37 0.64 -2.21
C ARG B 90 16.13 2.11 -1.93
N LEU B 91 17.09 2.95 -2.31
CA LEU B 91 16.93 4.40 -2.18
C LEU B 91 16.34 5.02 -3.43
N TYR B 92 15.22 5.73 -3.28
CA TYR B 92 14.53 6.33 -4.41
C TYR B 92 15.43 7.34 -5.12
N GLY B 93 16.45 7.83 -4.41
CA GLY B 93 17.39 8.77 -5.00
C GLY B 93 16.85 10.17 -5.11
N MET B 121 4.21 8.07 -6.64
CA MET B 121 4.29 8.38 -5.21
C MET B 121 3.67 7.25 -4.37
N VAL B 122 2.36 7.33 -4.17
CA VAL B 122 1.59 6.40 -3.33
C VAL B 122 1.29 5.06 -4.04
N LEU B 123 1.09 5.12 -5.34
CA LEU B 123 0.67 3.95 -6.10
C LEU B 123 1.74 2.86 -6.15
N GLU B 124 2.99 3.25 -6.36
CA GLU B 124 4.11 2.30 -6.38
C GLU B 124 4.23 1.51 -5.07
N SER B 125 3.96 2.18 -3.95
CA SER B 125 4.08 1.55 -2.65
C SER B 125 2.95 0.58 -2.36
N VAL B 126 1.72 1.01 -2.64
CA VAL B 126 0.56 0.14 -2.45
C VAL B 126 0.76 -1.09 -3.32
N MET B 127 1.24 -0.87 -4.54
CA MET B 127 1.46 -1.97 -5.47
C MET B 127 2.45 -2.97 -4.93
N PHE B 128 3.61 -2.50 -4.49
CA PHE B 128 4.66 -3.39 -4.01
C PHE B 128 4.21 -4.14 -2.76
N ALA B 129 3.49 -3.46 -1.87
CA ALA B 129 2.93 -4.10 -0.69
C ALA B 129 1.99 -5.23 -1.10
N ILE B 130 1.15 -4.98 -2.09
CA ILE B 130 0.17 -5.97 -2.52
C ILE B 130 0.84 -7.22 -3.12
N LEU B 131 1.77 -7.02 -4.05
CA LEU B 131 2.45 -8.14 -4.66
C LEU B 131 3.20 -8.92 -3.60
N ALA B 132 3.76 -8.22 -2.62
CA ALA B 132 4.43 -8.88 -1.50
C ALA B 132 3.44 -9.74 -0.71
N GLU B 133 2.30 -9.16 -0.36
CA GLU B 133 1.24 -9.89 0.34
C GLU B 133 0.77 -11.14 -0.40
N ARG B 134 0.70 -11.07 -1.74
CA ARG B 134 0.21 -12.20 -2.53
C ARG B 134 1.33 -13.16 -2.93
N SER B 135 2.54 -12.87 -2.49
CA SER B 135 3.69 -13.70 -2.82
C SER B 135 3.96 -13.69 -4.33
N LEU B 136 3.64 -12.58 -4.98
CA LEU B 136 4.00 -12.34 -6.37
C LEU B 136 5.29 -11.52 -6.46
N GLY B 137 5.61 -10.79 -5.40
CA GLY B 137 6.79 -9.95 -5.43
C GLY B 137 7.72 -10.21 -4.26
N PRO B 138 8.82 -9.48 -4.16
CA PRO B 138 9.64 -9.57 -2.95
C PRO B 138 8.83 -9.07 -1.77
N LYS B 139 9.12 -9.61 -0.58
CA LYS B 139 8.48 -9.16 0.66
C LYS B 139 8.89 -7.72 0.96
N LEU B 140 7.98 -6.97 1.60
CA LEU B 140 8.28 -5.60 1.98
C LEU B 140 8.53 -5.51 3.50
N TYR B 141 9.77 -5.25 3.89
CA TYR B 141 10.13 -5.28 5.30
C TYR B 141 10.05 -3.91 5.95
N GLY B 142 10.21 -2.86 5.15
CA GLY B 142 10.12 -1.54 5.72
C GLY B 142 9.90 -0.53 4.63
N ILE B 143 9.16 0.53 4.94
CA ILE B 143 8.96 1.58 3.96
C ILE B 143 9.03 2.96 4.62
N PHE B 144 9.77 3.86 3.99
CA PHE B 144 9.99 5.21 4.51
C PHE B 144 10.03 6.25 3.38
N PRO B 145 10.12 7.54 3.74
CA PRO B 145 9.98 8.60 2.73
C PRO B 145 11.00 8.54 1.61
N GLN B 146 12.22 8.11 1.91
CA GLN B 146 13.30 8.13 0.92
C GLN B 146 13.77 6.75 0.47
N GLY B 147 12.90 5.75 0.55
CA GLY B 147 13.28 4.41 0.14
C GLY B 147 12.43 3.32 0.77
N ARG B 148 12.89 2.08 0.67
CA ARG B 148 12.23 0.98 1.36
C ARG B 148 13.17 -0.22 1.48
N LEU B 149 12.94 -1.04 2.48
CA LEU B 149 13.66 -2.29 2.65
C LEU B 149 12.83 -3.41 2.04
N GLU B 150 13.47 -4.22 1.20
CA GLU B 150 12.80 -5.31 0.51
C GLU B 150 13.54 -6.62 0.75
N GLN B 151 12.86 -7.73 0.50
CA GLN B 151 13.48 -9.04 0.62
C GLN B 151 14.63 -9.19 -0.39
N PHE B 152 15.69 -9.89 0.00
CA PHE B 152 16.80 -10.13 -0.92
C PHE B 152 16.62 -11.52 -1.49
N ILE B 153 16.42 -11.60 -2.80
CA ILE B 153 16.16 -12.88 -3.46
C ILE B 153 17.42 -13.40 -4.12
N PRO B 154 18.05 -14.43 -3.51
CA PRO B 154 19.28 -15.00 -4.08
C PRO B 154 19.04 -15.45 -5.52
N SER B 155 19.59 -14.71 -6.46
CA SER B 155 19.31 -14.97 -7.87
C SER B 155 20.35 -14.33 -8.79
N ARG B 156 20.11 -14.47 -10.09
CA ARG B 156 20.70 -13.59 -11.09
C ARG B 156 19.62 -13.21 -12.11
N ARG B 157 19.87 -12.15 -12.89
CA ARG B 157 18.99 -11.80 -13.98
C ARG B 157 19.20 -12.72 -15.18
N LEU B 158 18.14 -12.94 -15.97
CA LEU B 158 18.31 -13.65 -17.22
C LEU B 158 19.12 -12.82 -18.22
N ASP B 159 19.82 -13.51 -19.12
CA ASP B 159 20.44 -12.84 -20.25
C ASP B 159 19.50 -12.83 -21.44
N THR B 160 19.71 -11.90 -22.35
CA THR B 160 18.87 -11.71 -23.53
C THR B 160 18.56 -13.02 -24.25
N GLU B 161 19.59 -13.82 -24.52
CA GLU B 161 19.43 -15.02 -25.34
C GLU B 161 18.68 -16.13 -24.61
N GLU B 162 18.68 -16.06 -23.28
CA GLU B 162 17.95 -17.03 -22.48
C GLU B 162 16.43 -16.92 -22.65
N LEU B 163 15.97 -15.76 -23.13
CA LEU B 163 14.55 -15.55 -23.31
C LEU B 163 13.99 -16.48 -24.36
N SER B 164 14.84 -17.00 -25.25
CA SER B 164 14.35 -17.84 -26.35
C SER B 164 14.36 -19.33 -25.97
N LEU B 165 14.93 -19.66 -24.82
CA LEU B 165 14.92 -21.04 -24.36
C LEU B 165 13.47 -21.42 -24.09
N PRO B 166 13.00 -22.52 -24.69
CA PRO B 166 11.57 -22.83 -24.61
C PRO B 166 10.97 -22.96 -23.21
N ASP B 167 11.72 -23.51 -22.25
CA ASP B 167 11.28 -23.56 -20.86
C ASP B 167 11.23 -22.18 -20.21
N ILE B 168 12.19 -21.32 -20.57
CA ILE B 168 12.23 -19.99 -20.00
C ILE B 168 11.04 -19.19 -20.53
N SER B 169 10.83 -19.21 -21.84
CA SER B 169 9.75 -18.40 -22.38
C SER B 169 8.40 -19.00 -22.06
N ALA B 170 8.38 -20.30 -21.78
CA ALA B 170 7.15 -20.96 -21.36
C ALA B 170 6.78 -20.50 -19.95
N GLU B 171 7.77 -20.44 -19.05
CA GLU B 171 7.49 -19.94 -17.71
C GLU B 171 7.26 -18.42 -17.63
N ILE B 172 7.96 -17.64 -18.46
CA ILE B 172 7.67 -16.21 -18.51
C ILE B 172 6.23 -15.97 -18.93
N ALA B 173 5.77 -16.69 -19.95
CA ALA B 173 4.39 -16.59 -20.41
C ALA B 173 3.41 -16.92 -19.28
N GLU B 174 3.64 -18.04 -18.60
CA GLU B 174 2.82 -18.40 -17.46
C GLU B 174 2.80 -17.26 -16.43
N LYS B 175 3.98 -16.83 -16.01
CA LYS B 175 4.11 -15.78 -15.00
C LYS B 175 3.43 -14.47 -15.41
N MET B 176 3.56 -14.07 -16.67
CA MET B 176 2.90 -12.86 -17.14
C MET B 176 1.38 -13.05 -17.15
N ALA B 177 0.93 -14.22 -17.57
CA ALA B 177 -0.49 -14.55 -17.49
C ALA B 177 -1.01 -14.36 -16.08
N THR B 178 -0.27 -14.85 -15.09
CA THR B 178 -0.71 -14.79 -13.69
C THR B 178 -0.72 -13.35 -13.22
N PHE B 179 0.41 -12.67 -13.44
CA PHE B 179 0.48 -11.22 -13.21
C PHE B 179 -0.74 -10.51 -13.80
N HIS B 180 -1.18 -10.95 -14.98
CA HIS B 180 -2.27 -10.31 -15.70
C HIS B 180 -3.66 -10.46 -15.09
N GLY B 181 -3.87 -11.53 -14.33
CA GLY B 181 -5.17 -11.78 -13.75
C GLY B 181 -5.35 -11.13 -12.38
N MET B 182 -4.29 -10.52 -11.86
CA MET B 182 -4.37 -9.88 -10.56
C MET B 182 -5.23 -8.63 -10.57
N LYS B 183 -6.13 -8.51 -9.61
CA LYS B 183 -6.87 -7.27 -9.43
C LYS B 183 -6.00 -6.29 -8.62
N MET B 184 -5.99 -5.03 -9.04
CA MET B 184 -5.29 -3.97 -8.30
C MET B 184 -6.18 -2.74 -8.17
N PRO B 185 -6.03 -1.96 -7.08
CA PRO B 185 -6.89 -0.81 -6.79
C PRO B 185 -6.61 0.39 -7.69
N PHE B 186 -6.24 0.14 -8.94
CA PHE B 186 -5.88 1.23 -9.84
C PHE B 186 -6.87 1.39 -10.98
N ASN B 187 -6.71 2.47 -11.73
CA ASN B 187 -7.64 2.82 -12.80
C ASN B 187 -7.56 1.78 -13.93
N LYS B 188 -8.71 1.25 -14.33
CA LYS B 188 -8.76 0.10 -15.22
C LYS B 188 -9.02 0.57 -16.65
N GLU B 189 -9.16 1.88 -16.80
CA GLU B 189 -9.23 2.51 -18.11
C GLU B 189 -7.83 2.49 -18.74
N PRO B 190 -7.69 1.91 -19.94
CA PRO B 190 -6.38 1.75 -20.61
C PRO B 190 -5.76 3.07 -21.13
N LYS B 191 -5.61 4.05 -20.23
CA LYS B 191 -5.12 5.38 -20.61
C LYS B 191 -3.61 5.35 -20.83
N TRP B 192 -2.94 4.47 -20.09
CA TRP B 192 -1.49 4.51 -19.93
C TRP B 192 -0.69 4.52 -21.23
N LEU B 193 -1.09 3.68 -22.18
CA LEU B 193 -0.26 3.45 -23.37
C LEU B 193 -0.05 4.73 -24.20
N PHE B 194 -1.15 5.32 -24.65
CA PHE B 194 -1.04 6.49 -25.50
C PHE B 194 -0.85 7.76 -24.68
N GLY B 195 -1.25 7.71 -23.42
CA GLY B 195 -1.08 8.85 -22.56
C GLY B 195 0.39 9.13 -22.36
N THR B 196 1.17 8.08 -22.17
CA THR B 196 2.60 8.19 -22.02
C THR B 196 3.30 8.50 -23.34
N MET B 197 2.83 7.91 -24.44
CA MET B 197 3.44 8.26 -25.71
C MET B 197 3.24 9.75 -26.00
N GLU B 198 2.03 10.24 -25.82
CA GLU B 198 1.72 11.66 -25.99
C GLU B 198 2.57 12.55 -25.05
N LYS B 199 2.66 12.14 -23.79
CA LYS B 199 3.48 12.86 -22.83
C LYS B 199 4.94 12.92 -23.25
N TYR B 200 5.43 11.86 -23.90
CA TYR B 200 6.82 11.83 -24.32
C TYR B 200 7.02 12.63 -25.57
N LEU B 201 6.08 12.52 -26.50
CA LEU B 201 6.20 13.20 -27.79
C LEU B 201 6.34 14.70 -27.54
N LYS B 202 5.54 15.20 -26.61
CA LYS B 202 5.41 16.62 -26.36
C LYS B 202 6.68 17.12 -25.66
N GLU B 203 7.29 16.24 -24.88
CA GLU B 203 8.63 16.47 -24.35
C GLU B 203 9.69 16.50 -25.48
N VAL B 204 9.54 15.60 -26.45
CA VAL B 204 10.50 15.48 -27.54
C VAL B 204 10.48 16.70 -28.47
N LEU B 205 9.31 17.27 -28.71
CA LEU B 205 9.18 18.41 -29.60
C LEU B 205 9.50 19.71 -28.86
N ARG B 206 10.06 19.57 -27.66
CA ARG B 206 10.52 20.72 -26.87
C ARG B 206 12.00 20.58 -26.53
N ILE B 207 12.54 19.38 -26.72
CA ILE B 207 13.93 19.14 -26.41
C ILE B 207 14.83 19.91 -27.36
N LYS B 208 15.74 20.70 -26.80
CA LYS B 208 16.81 21.28 -27.59
C LYS B 208 18.12 20.74 -27.06
N PHE B 209 18.93 20.20 -27.96
CA PHE B 209 20.22 19.64 -27.59
C PHE B 209 21.36 20.61 -27.91
N THR B 210 22.41 20.56 -27.08
CA THR B 210 23.59 21.37 -27.30
C THR B 210 24.50 20.77 -28.35
N GLU B 211 25.05 19.59 -28.07
CA GLU B 211 26.10 19.04 -28.92
C GLU B 211 25.58 18.65 -30.30
N GLU B 212 26.28 19.10 -31.33
CA GLU B 212 25.88 18.88 -32.72
C GLU B 212 25.34 17.47 -32.98
N SER B 213 25.95 16.46 -32.37
CA SER B 213 25.60 15.07 -32.64
C SER B 213 24.17 14.73 -32.21
N ARG B 214 23.79 15.12 -31.00
CA ARG B 214 22.44 14.90 -30.52
C ARG B 214 21.44 15.69 -31.36
N ILE B 215 21.79 16.92 -31.67
CA ILE B 215 20.99 17.72 -32.60
C ILE B 215 20.81 17.01 -33.94
N LYS B 216 21.89 16.52 -34.51
CA LYS B 216 21.82 15.77 -35.75
C LYS B 216 20.89 14.57 -35.63
N LYS B 217 21.08 13.76 -34.60
CA LYS B 217 20.27 12.56 -34.42
C LYS B 217 18.79 12.87 -34.17
N LEU B 218 18.53 13.83 -33.28
CA LEU B 218 17.16 14.25 -32.99
C LEU B 218 16.46 14.77 -34.24
N HIS B 219 17.26 15.38 -35.12
CA HIS B 219 16.74 15.92 -36.36
C HIS B 219 16.33 14.82 -37.35
N LYS B 220 17.07 13.72 -37.37
CA LYS B 220 16.69 12.58 -38.18
C LYS B 220 15.37 11.96 -37.67
N LEU B 221 15.29 11.76 -36.36
CA LEU B 221 14.10 11.20 -35.73
C LEU B 221 12.83 12.04 -35.97
N LEU B 222 12.94 13.36 -35.87
CA LEU B 222 11.78 14.24 -36.09
C LEU B 222 11.33 14.21 -37.54
N SER B 223 12.25 13.84 -38.43
CA SER B 223 11.96 13.81 -39.85
C SER B 223 11.02 12.68 -40.22
N TYR B 224 10.76 11.77 -39.28
CA TYR B 224 9.75 10.73 -39.48
C TYR B 224 8.33 11.27 -39.32
N ASN B 225 8.23 12.52 -38.87
CA ASN B 225 6.93 13.13 -38.62
C ASN B 225 6.24 12.36 -37.51
N LEU B 226 6.82 12.45 -36.31
CA LEU B 226 6.37 11.62 -35.21
C LEU B 226 4.88 11.80 -34.86
N PRO B 227 4.38 13.05 -34.90
CA PRO B 227 2.98 13.29 -34.52
C PRO B 227 2.01 12.61 -35.47
N LEU B 228 2.36 12.59 -36.74
CA LEU B 228 1.52 11.98 -37.75
C LEU B 228 1.60 10.45 -37.65
N GLU B 229 2.81 9.95 -37.37
CA GLU B 229 3.06 8.52 -37.23
C GLU B 229 2.34 7.97 -36.00
N LEU B 230 2.25 8.78 -34.95
CA LEU B 230 1.51 8.38 -33.76
C LEU B 230 0.03 8.19 -34.03
N GLU B 231 -0.52 9.03 -34.90
CA GLU B 231 -1.93 8.92 -35.27
C GLU B 231 -2.18 7.67 -36.12
N ASN B 232 -1.19 7.31 -36.92
CA ASN B 232 -1.32 6.14 -37.78
C ASN B 232 -1.25 4.87 -36.91
N LEU B 233 -0.43 4.91 -35.87
CA LEU B 233 -0.35 3.82 -34.88
C LEU B 233 -1.61 3.70 -34.04
N ARG B 234 -2.18 4.84 -33.64
CA ARG B 234 -3.41 4.88 -32.86
C ARG B 234 -4.55 4.27 -33.66
N SER B 235 -4.56 4.57 -34.95
CA SER B 235 -5.59 4.11 -35.86
C SER B 235 -5.55 2.59 -35.98
N LEU B 236 -4.34 2.05 -36.10
CA LEU B 236 -4.18 0.61 -36.26
C LEU B 236 -4.58 -0.15 -34.99
N LEU B 237 -4.23 0.36 -33.82
CA LEU B 237 -4.46 -0.36 -32.56
C LEU B 237 -5.90 -0.25 -32.09
N GLU B 238 -6.56 0.83 -32.46
CA GLU B 238 -7.99 0.97 -32.20
C GLU B 238 -8.79 -0.09 -32.92
N SER B 239 -8.25 -0.62 -34.02
CA SER B 239 -8.95 -1.64 -34.79
C SER B 239 -8.43 -3.03 -34.45
N THR B 240 -7.66 -3.11 -33.36
CA THR B 240 -7.05 -4.36 -32.89
C THR B 240 -7.45 -4.64 -31.43
N PRO B 241 -8.50 -5.45 -31.23
CA PRO B 241 -8.97 -5.85 -29.89
C PRO B 241 -7.86 -6.46 -29.04
N SER B 242 -7.87 -6.11 -27.76
CA SER B 242 -6.87 -6.62 -26.83
C SER B 242 -7.35 -6.33 -25.42
N PRO B 243 -7.59 -7.37 -24.63
CA PRO B 243 -8.12 -7.18 -23.28
C PRO B 243 -7.20 -6.33 -22.41
N VAL B 244 -7.80 -5.42 -21.64
CA VAL B 244 -7.08 -4.62 -20.66
C VAL B 244 -6.84 -5.46 -19.41
N VAL B 245 -5.59 -5.49 -18.95
CA VAL B 245 -5.24 -6.30 -17.78
C VAL B 245 -4.12 -5.58 -17.03
N PHE B 246 -3.80 -6.06 -15.84
CA PHE B 246 -2.71 -5.44 -15.11
C PHE B 246 -1.39 -5.85 -15.77
N CYS B 247 -0.75 -4.88 -16.44
CA CYS B 247 0.48 -5.15 -17.17
C CYS B 247 1.73 -4.77 -16.37
N HIS B 248 2.79 -5.53 -16.58
CA HIS B 248 4.11 -5.20 -16.05
C HIS B 248 4.72 -4.07 -16.89
N ASN B 249 4.47 -4.08 -18.20
CA ASN B 249 4.91 -3.02 -19.12
C ASN B 249 6.41 -2.84 -19.35
N ASP B 250 7.24 -3.71 -18.78
CA ASP B 250 8.69 -3.55 -18.91
C ASP B 250 9.37 -4.89 -18.76
N CYS B 251 8.75 -5.92 -19.31
CA CYS B 251 9.12 -7.29 -18.99
C CYS B 251 10.33 -7.74 -19.81
N GLN B 252 11.47 -7.10 -19.57
CA GLN B 252 12.70 -7.43 -20.26
C GLN B 252 13.49 -8.37 -19.37
N GLU B 253 14.54 -8.97 -19.90
CA GLU B 253 15.32 -9.96 -19.17
C GLU B 253 15.96 -9.38 -17.90
N GLY B 254 16.25 -8.09 -17.91
CA GLY B 254 16.83 -7.47 -16.74
C GLY B 254 15.89 -7.49 -15.56
N ASN B 255 14.60 -7.69 -15.83
CA ASN B 255 13.59 -7.66 -14.79
C ASN B 255 13.04 -9.04 -14.46
N ILE B 256 13.73 -10.08 -14.91
CA ILE B 256 13.33 -11.45 -14.65
C ILE B 256 14.42 -12.22 -13.89
N LEU B 257 14.12 -12.57 -12.63
CA LEU B 257 15.04 -13.32 -11.77
C LEU B 257 15.06 -14.82 -12.06
N LEU B 258 16.25 -15.38 -12.22
CA LEU B 258 16.44 -16.83 -12.16
C LEU B 258 16.83 -17.18 -10.73
N LEU B 259 15.90 -17.83 -10.01
CA LEU B 259 16.03 -18.00 -8.57
C LEU B 259 17.03 -19.11 -8.29
N GLU B 260 18.05 -18.81 -7.51
CA GLU B 260 19.17 -19.74 -7.44
C GLU B 260 18.83 -20.97 -6.60
N GLY B 261 19.32 -22.12 -7.04
CA GLY B 261 18.95 -23.37 -6.41
C GLY B 261 17.88 -24.14 -7.17
N ARG B 262 17.17 -23.47 -8.07
CA ARG B 262 16.13 -24.16 -8.83
C ARG B 262 16.30 -24.03 -10.32
N GLU B 263 17.54 -23.79 -10.74
CA GLU B 263 17.89 -23.81 -12.14
C GLU B 263 17.43 -25.11 -12.79
N ASN B 264 17.17 -26.12 -11.94
CA ASN B 264 16.75 -27.44 -12.39
C ASN B 264 15.24 -27.63 -12.41
N SER B 265 14.53 -26.73 -11.75
CA SER B 265 13.08 -26.71 -11.88
C SER B 265 12.72 -26.37 -13.32
N GLU B 266 11.66 -26.97 -13.82
CA GLU B 266 11.32 -26.76 -15.21
C GLU B 266 10.32 -25.64 -15.41
N LYS B 267 9.55 -25.33 -14.38
CA LYS B 267 8.48 -24.35 -14.52
C LYS B 267 8.39 -23.34 -13.38
N GLN B 268 9.32 -23.43 -12.43
CA GLN B 268 9.30 -22.55 -11.27
C GLN B 268 10.71 -22.09 -10.87
N LYS B 269 11.43 -21.50 -11.81
CA LYS B 269 12.74 -20.95 -11.47
C LYS B 269 12.83 -19.46 -11.67
N LEU B 270 11.72 -18.85 -12.11
CA LEU B 270 11.72 -17.44 -12.44
C LEU B 270 10.80 -16.61 -11.56
N MET B 271 11.19 -15.38 -11.31
CA MET B 271 10.29 -14.38 -10.72
C MET B 271 10.36 -13.05 -11.50
N LEU B 272 9.22 -12.41 -11.69
CA LEU B 272 9.20 -11.09 -12.33
C LEU B 272 9.29 -9.97 -11.28
N ILE B 273 10.16 -9.00 -11.53
CA ILE B 273 10.31 -7.91 -10.58
C ILE B 273 10.29 -6.56 -11.28
N ASP B 274 10.51 -5.51 -10.49
CA ASP B 274 10.56 -4.12 -10.95
C ASP B 274 9.33 -3.69 -11.73
N PHE B 275 8.29 -3.34 -10.97
CA PHE B 275 6.98 -3.05 -11.53
C PHE B 275 6.72 -1.55 -11.56
N GLU B 276 7.77 -0.76 -11.70
CA GLU B 276 7.63 0.69 -11.64
C GLU B 276 6.79 1.24 -12.79
N TYR B 277 6.69 0.47 -13.88
CA TYR B 277 5.92 0.93 -15.03
C TYR B 277 4.54 0.28 -15.12
N SER B 278 4.24 -0.61 -14.17
CA SER B 278 3.02 -1.43 -14.21
C SER B 278 1.74 -0.62 -14.16
N SER B 279 0.79 -0.98 -15.01
CA SER B 279 -0.49 -0.31 -15.03
C SER B 279 -1.51 -1.18 -15.74
N TYR B 280 -2.77 -0.79 -15.70
CA TYR B 280 -3.73 -1.47 -16.54
C TYR B 280 -3.52 -0.96 -17.95
N ASN B 281 -3.43 -1.90 -18.88
CA ASN B 281 -2.95 -1.62 -20.22
C ASN B 281 -3.33 -2.81 -21.07
N TYR B 282 -3.21 -2.67 -22.38
CA TYR B 282 -3.56 -3.76 -23.27
C TYR B 282 -2.59 -4.92 -23.12
N ARG B 283 -3.14 -6.11 -22.95
CA ARG B 283 -2.37 -7.32 -22.82
C ARG B 283 -1.37 -7.41 -23.98
N GLY B 284 -1.82 -7.05 -25.17
CA GLY B 284 -0.96 -7.11 -26.34
C GLY B 284 0.34 -6.34 -26.16
N PHE B 285 0.29 -5.18 -25.49
CA PHE B 285 1.52 -4.43 -25.27
C PHE B 285 2.53 -5.16 -24.38
N ASP B 286 2.05 -5.81 -23.33
CA ASP B 286 2.96 -6.49 -22.40
C ASP B 286 3.65 -7.66 -23.11
N ILE B 287 2.90 -8.37 -23.95
CA ILE B 287 3.49 -9.46 -24.74
C ILE B 287 4.38 -8.92 -25.88
N GLY B 288 3.84 -8.06 -26.74
CA GLY B 288 4.66 -7.48 -27.79
C GLY B 288 5.93 -6.78 -27.29
N ASN B 289 5.84 -6.05 -26.18
CA ASN B 289 7.02 -5.47 -25.60
C ASN B 289 8.05 -6.55 -25.26
N HIS B 290 7.58 -7.61 -24.63
CA HIS B 290 8.52 -8.65 -24.24
C HIS B 290 9.16 -9.31 -25.46
N PHE B 291 8.40 -9.46 -26.54
CA PHE B 291 8.93 -10.04 -27.77
C PHE B 291 10.04 -9.17 -28.34
N CYS B 292 9.81 -7.86 -28.39
CA CYS B 292 10.83 -6.91 -28.80
C CYS B 292 12.13 -7.09 -28.02
N GLU B 293 12.00 -7.33 -26.72
CA GLU B 293 13.16 -7.44 -25.83
C GLU B 293 14.08 -8.63 -26.18
N TRP B 294 13.59 -9.55 -27.01
CA TRP B 294 14.45 -10.60 -27.58
C TRP B 294 15.57 -9.98 -28.42
N MET B 295 15.33 -8.78 -28.93
CA MET B 295 16.21 -8.18 -29.92
C MET B 295 17.34 -7.38 -29.29
N TYR B 296 17.18 -7.03 -28.01
CA TYR B 296 18.03 -6.03 -27.37
C TYR B 296 18.80 -6.58 -26.19
N ASP B 297 20.12 -6.42 -26.25
CA ASP B 297 21.02 -6.90 -25.21
C ASP B 297 21.73 -5.71 -24.56
N TYR B 298 21.48 -5.49 -23.27
CA TYR B 298 21.95 -4.30 -22.57
C TYR B 298 23.22 -4.53 -21.77
N SER B 299 23.81 -5.71 -21.90
CA SER B 299 25.03 -6.01 -21.16
C SER B 299 26.28 -5.66 -21.97
N TYR B 300 26.08 -5.17 -23.18
CA TYR B 300 27.20 -4.77 -24.02
C TYR B 300 28.06 -3.73 -23.30
N GLU B 301 29.37 -3.95 -23.29
CA GLU B 301 30.27 -3.20 -22.41
C GLU B 301 30.96 -2.01 -23.08
N LYS B 302 30.77 -1.88 -24.40
CA LYS B 302 31.24 -0.69 -25.12
C LYS B 302 30.05 0.16 -25.55
N TYR B 303 30.16 1.48 -25.37
CA TYR B 303 29.17 2.41 -25.91
C TYR B 303 28.70 1.91 -27.28
N PRO B 304 27.40 2.04 -27.59
CA PRO B 304 26.30 2.67 -26.83
C PRO B 304 25.74 1.82 -25.69
N PHE B 305 26.38 0.69 -25.43
CA PHE B 305 26.04 -0.17 -24.29
C PHE B 305 24.76 -1.01 -24.50
N PHE B 306 24.39 -1.21 -25.76
CA PHE B 306 23.41 -2.22 -26.11
C PHE B 306 23.76 -2.74 -27.50
N ARG B 307 23.26 -3.93 -27.80
CA ARG B 307 23.21 -4.42 -29.17
C ARG B 307 21.76 -4.67 -29.54
N ALA B 308 21.40 -4.28 -30.76
CA ALA B 308 20.14 -4.68 -31.35
C ALA B 308 20.43 -5.75 -32.41
N ASN B 309 19.55 -6.72 -32.50
CA ASN B 309 19.67 -7.77 -33.48
C ASN B 309 18.27 -8.15 -33.94
N ILE B 310 17.88 -7.62 -35.09
CA ILE B 310 16.50 -7.77 -35.57
C ILE B 310 16.17 -9.23 -35.87
N ARG B 311 17.20 -10.02 -36.18
CA ARG B 311 16.99 -11.42 -36.56
C ARG B 311 16.53 -12.24 -35.36
N LYS B 312 16.77 -11.70 -34.17
CA LYS B 312 16.48 -12.39 -32.93
C LYS B 312 15.04 -12.23 -32.46
N TYR B 313 14.25 -11.44 -33.18
CA TYR B 313 12.83 -11.38 -32.88
C TYR B 313 12.25 -12.78 -33.00
N PRO B 314 11.33 -13.15 -32.10
CA PRO B 314 10.81 -14.53 -32.06
C PRO B 314 10.05 -14.94 -33.31
N THR B 315 10.39 -16.11 -33.84
CA THR B 315 9.76 -16.65 -35.06
C THR B 315 8.30 -17.02 -34.77
N LYS B 316 7.53 -17.27 -35.83
CA LYS B 316 6.14 -17.66 -35.64
C LYS B 316 6.07 -18.83 -34.68
N LYS B 317 7.00 -19.77 -34.83
CA LYS B 317 7.02 -20.97 -33.99
C LYS B 317 7.28 -20.62 -32.53
N GLN B 318 8.26 -19.76 -32.29
CA GLN B 318 8.56 -19.31 -30.94
C GLN B 318 7.44 -18.46 -30.34
N GLN B 319 6.70 -17.75 -31.17
CA GLN B 319 5.60 -16.94 -30.67
C GLN B 319 4.46 -17.88 -30.24
N LEU B 320 4.21 -18.91 -31.04
CA LEU B 320 3.14 -19.85 -30.74
C LEU B 320 3.45 -20.61 -29.46
N HIS B 321 4.73 -20.89 -29.24
CA HIS B 321 5.15 -21.60 -28.05
C HIS B 321 4.89 -20.77 -26.80
N PHE B 322 5.26 -19.50 -26.82
CA PHE B 322 4.97 -18.57 -25.72
C PHE B 322 3.47 -18.50 -25.49
N ILE B 323 2.69 -18.12 -26.50
CA ILE B 323 1.26 -17.94 -26.24
C ILE B 323 0.55 -19.26 -25.91
N SER B 324 1.10 -20.38 -26.36
CA SER B 324 0.52 -21.67 -26.03
C SER B 324 0.69 -21.97 -24.54
N SER B 325 1.60 -21.24 -23.89
CA SER B 325 1.73 -21.28 -22.44
C SER B 325 0.85 -20.23 -21.77
N TYR B 326 0.84 -19.04 -22.38
CA TYR B 326 0.17 -17.89 -21.80
C TYR B 326 -1.32 -18.12 -21.63
N LEU B 327 -1.97 -18.60 -22.69
CA LEU B 327 -3.43 -18.63 -22.75
C LEU B 327 -4.07 -19.54 -21.69
N PRO B 328 -3.56 -20.78 -21.55
CA PRO B 328 -4.09 -21.68 -20.51
C PRO B 328 -3.89 -21.11 -19.11
N ALA B 329 -2.86 -20.31 -18.93
CA ALA B 329 -2.57 -19.74 -17.63
C ALA B 329 -3.38 -18.46 -17.38
N PHE B 330 -4.01 -17.95 -18.42
CA PHE B 330 -4.76 -16.69 -18.34
C PHE B 330 -6.28 -16.91 -18.32
N GLN B 331 -6.74 -17.93 -19.03
CA GLN B 331 -8.14 -18.39 -18.95
C GLN B 331 -8.18 -19.92 -18.78
N ASN B 332 -8.41 -20.37 -17.55
CA ASN B 332 -8.24 -21.78 -17.19
C ASN B 332 -9.13 -22.75 -17.97
N ASP B 333 -10.03 -22.19 -18.78
CA ASP B 333 -10.97 -22.99 -19.58
C ASP B 333 -10.50 -23.10 -21.04
N PHE B 334 -9.41 -22.42 -21.37
CA PHE B 334 -8.90 -22.43 -22.74
C PHE B 334 -8.41 -23.82 -23.15
N GLU B 335 -7.89 -24.57 -22.18
CA GLU B 335 -7.30 -25.88 -22.47
C GLU B 335 -8.35 -26.88 -22.94
N ASN B 336 -9.62 -26.62 -22.61
CA ASN B 336 -10.70 -27.51 -23.01
C ASN B 336 -11.39 -27.08 -24.28
N LEU B 337 -10.78 -26.18 -25.04
CA LEU B 337 -11.39 -25.76 -26.29
C LEU B 337 -11.01 -26.72 -27.40
N SER B 338 -11.77 -26.67 -28.50
CA SER B 338 -11.47 -27.49 -29.65
C SER B 338 -10.14 -27.09 -30.28
N THR B 339 -9.34 -28.09 -30.62
CA THR B 339 -8.08 -27.89 -31.35
C THR B 339 -8.17 -26.78 -32.40
N GLU B 340 -9.30 -26.74 -33.10
CA GLU B 340 -9.49 -25.76 -34.15
C GLU B 340 -9.70 -24.39 -33.54
N GLU B 341 -10.56 -24.32 -32.54
CA GLU B 341 -10.87 -23.05 -31.91
C GLU B 341 -9.59 -22.44 -31.34
N LYS B 342 -8.78 -23.28 -30.68
CA LYS B 342 -7.53 -22.83 -30.09
C LYS B 342 -6.64 -22.16 -31.11
N SER B 343 -6.64 -22.68 -32.34
CA SER B 343 -5.80 -22.11 -33.39
C SER B 343 -6.41 -20.84 -33.94
N ILE B 344 -7.74 -20.76 -33.91
CA ILE B 344 -8.42 -19.51 -34.27
C ILE B 344 -7.98 -18.43 -33.29
N ILE B 345 -7.93 -18.77 -32.01
CA ILE B 345 -7.61 -17.81 -30.96
C ILE B 345 -6.14 -17.46 -31.05
N LYS B 346 -5.31 -18.45 -31.31
CA LYS B 346 -3.87 -18.24 -31.41
C LYS B 346 -3.50 -17.35 -32.59
N GLU B 347 -4.01 -17.68 -33.77
CA GLU B 347 -3.67 -16.93 -34.98
C GLU B 347 -4.09 -15.47 -34.82
N GLU B 348 -5.18 -15.28 -34.09
CA GLU B 348 -5.74 -13.96 -33.87
C GLU B 348 -4.92 -13.19 -32.84
N MET B 349 -4.39 -13.91 -31.87
CA MET B 349 -3.56 -13.30 -30.85
C MET B 349 -2.23 -12.89 -31.45
N LEU B 350 -1.71 -13.72 -32.36
CA LEU B 350 -0.47 -13.39 -33.06
C LEU B 350 -0.55 -12.02 -33.75
N LEU B 351 -1.64 -11.78 -34.47
CA LEU B 351 -1.83 -10.47 -35.10
C LEU B 351 -1.92 -9.40 -34.02
N GLU B 352 -2.65 -9.69 -32.95
CA GLU B 352 -2.79 -8.75 -31.86
C GLU B 352 -1.43 -8.27 -31.30
N VAL B 353 -0.59 -9.20 -30.82
CA VAL B 353 0.64 -8.79 -30.14
C VAL B 353 1.71 -8.25 -31.09
N ASN B 354 1.69 -8.67 -32.34
CA ASN B 354 2.67 -8.15 -33.29
C ASN B 354 2.33 -6.74 -33.75
N ARG B 355 1.05 -6.38 -33.69
CA ARG B 355 0.66 -4.99 -33.87
C ARG B 355 1.03 -4.13 -32.66
N PHE B 356 0.72 -4.60 -31.45
CA PHE B 356 1.09 -3.85 -30.26
C PHE B 356 2.61 -3.77 -30.03
N ALA B 357 3.35 -4.70 -30.63
CA ALA B 357 4.81 -4.61 -30.63
C ALA B 357 5.27 -3.25 -31.17
N LEU B 358 4.55 -2.72 -32.17
CA LEU B 358 4.87 -1.42 -32.76
C LEU B 358 4.87 -0.32 -31.71
N ALA B 359 3.93 -0.42 -30.76
CA ALA B 359 3.83 0.56 -29.68
C ALA B 359 4.98 0.43 -28.69
N SER B 360 5.45 -0.78 -28.45
CA SER B 360 6.69 -0.92 -27.66
C SER B 360 7.83 -0.09 -28.30
N HIS B 361 8.10 -0.32 -29.59
CA HIS B 361 9.14 0.44 -30.29
C HIS B 361 8.92 1.95 -30.19
N PHE B 362 7.69 2.37 -30.44
CA PHE B 362 7.37 3.80 -30.49
C PHE B 362 7.49 4.42 -29.10
N LEU B 363 6.97 3.74 -28.08
CA LEU B 363 6.99 4.30 -26.74
C LEU B 363 8.43 4.42 -26.23
N TRP B 364 9.17 3.33 -26.27
CA TRP B 364 10.52 3.35 -25.72
C TRP B 364 11.47 4.20 -26.54
N GLY B 365 11.18 4.33 -27.84
CA GLY B 365 11.93 5.25 -28.69
C GLY B 365 11.79 6.70 -28.23
N LEU B 366 10.55 7.15 -28.01
CA LEU B 366 10.29 8.47 -27.46
C LEU B 366 10.91 8.61 -26.07
N TRP B 367 10.78 7.56 -25.25
CA TRP B 367 11.31 7.57 -23.89
C TRP B 367 12.83 7.67 -23.95
N SER B 368 13.43 6.99 -24.92
CA SER B 368 14.88 6.99 -25.02
C SER B 368 15.42 8.37 -25.39
N ILE B 369 14.66 9.13 -26.18
CA ILE B 369 15.04 10.51 -26.51
C ILE B 369 14.94 11.46 -25.31
N VAL B 370 13.84 11.39 -24.57
CA VAL B 370 13.74 12.12 -23.31
C VAL B 370 14.92 11.80 -22.37
N GLN B 371 15.26 10.52 -22.21
CA GLN B 371 16.30 10.15 -21.26
C GLN B 371 17.66 10.69 -21.68
N ALA B 372 17.86 10.89 -22.98
CA ALA B 372 19.11 11.43 -23.48
C ALA B 372 19.36 12.80 -22.85
N LYS B 373 18.38 13.69 -22.95
CA LYS B 373 18.53 15.06 -22.46
C LYS B 373 18.75 15.15 -20.95
N ILE B 374 18.22 14.19 -20.19
CA ILE B 374 18.15 14.36 -18.74
C ILE B 374 18.97 13.35 -17.96
N SER B 375 19.07 12.13 -18.48
CA SER B 375 19.69 11.06 -17.71
C SER B 375 21.20 11.26 -17.62
N SER B 376 21.76 10.77 -16.51
CA SER B 376 23.19 10.76 -16.29
C SER B 376 23.77 9.41 -16.71
N ILE B 377 23.00 8.35 -16.42
CA ILE B 377 23.36 6.99 -16.79
C ILE B 377 24.09 6.93 -18.12
N GLU B 378 25.22 6.23 -18.14
CA GLU B 378 25.99 6.11 -19.37
C GLU B 378 25.34 5.07 -20.27
N PHE B 379 24.58 5.55 -21.24
CA PHE B 379 23.89 4.69 -22.20
C PHE B 379 23.69 5.51 -23.47
N GLY B 380 23.85 4.87 -24.62
CA GLY B 380 23.70 5.59 -25.87
C GLY B 380 22.23 5.77 -26.18
N TYR B 381 21.56 6.66 -25.44
CA TYR B 381 20.11 6.80 -25.56
C TYR B 381 19.66 7.12 -26.95
N MET B 382 20.35 8.02 -27.64
CA MET B 382 19.90 8.44 -28.97
C MET B 382 20.05 7.31 -29.98
N ASP B 383 21.14 6.54 -29.87
CA ASP B 383 21.34 5.38 -30.75
C ASP B 383 20.26 4.32 -30.49
N TYR B 384 19.83 4.21 -29.24
CA TYR B 384 18.81 3.24 -28.87
C TYR B 384 17.46 3.68 -29.41
N ALA B 385 17.17 4.97 -29.25
CA ALA B 385 15.98 5.52 -29.87
C ALA B 385 15.98 5.19 -31.37
N GLN B 386 17.11 5.45 -32.05
CA GLN B 386 17.17 5.22 -33.50
C GLN B 386 17.01 3.75 -33.84
N ALA B 387 17.50 2.88 -32.98
CA ALA B 387 17.32 1.45 -33.16
C ALA B 387 15.84 1.06 -33.01
N ARG B 388 15.15 1.66 -32.05
CA ARG B 388 13.76 1.30 -31.78
C ARG B 388 12.87 1.73 -32.92
N PHE B 389 13.15 2.90 -33.49
CA PHE B 389 12.36 3.37 -34.63
C PHE B 389 12.67 2.64 -35.90
N ASP B 390 13.93 2.26 -36.09
CA ASP B 390 14.24 1.39 -37.21
C ASP B 390 13.42 0.09 -37.11
N ALA B 391 13.37 -0.50 -35.90
CA ALA B 391 12.62 -1.74 -35.72
C ALA B 391 11.11 -1.50 -35.86
N TYR B 392 10.66 -0.33 -35.42
CA TYR B 392 9.29 0.11 -35.66
C TYR B 392 8.91 0.09 -37.15
N PHE B 393 9.70 0.77 -37.98
CA PHE B 393 9.37 0.83 -39.41
C PHE B 393 9.58 -0.49 -40.12
N HIS B 394 10.53 -1.28 -39.64
CA HIS B 394 10.75 -2.60 -40.21
C HIS B 394 9.53 -3.48 -39.91
N GLN B 395 9.06 -3.42 -38.68
CA GLN B 395 7.89 -4.19 -38.29
C GLN B 395 6.63 -3.74 -39.03
N LYS B 396 6.52 -2.46 -39.35
CA LYS B 396 5.42 -1.99 -40.20
C LYS B 396 5.43 -2.60 -41.61
N ARG B 397 6.62 -2.67 -42.21
CA ARG B 397 6.75 -3.23 -43.55
C ARG B 397 6.53 -4.73 -43.50
N LYS B 398 7.03 -5.36 -42.44
CA LYS B 398 6.87 -6.80 -42.27
C LYS B 398 5.38 -7.16 -42.16
N LEU B 399 4.63 -6.31 -41.45
CA LEU B 399 3.21 -6.55 -41.22
C LEU B 399 2.36 -6.01 -42.38
N GLY B 400 2.95 -5.17 -43.20
CA GLY B 400 2.18 -4.59 -44.29
C GLY B 400 1.08 -3.67 -43.78
N VAL B 401 1.34 -3.00 -42.65
CA VAL B 401 0.38 -2.04 -42.12
C VAL B 401 0.91 -0.62 -42.23
#